data_6LPY
#
_entry.id   6LPY
#
_cell.length_a   98.077
_cell.length_b   206.705
_cell.length_c   74.129
_cell.angle_alpha   90.000
_cell.angle_beta   90.000
_cell.angle_gamma   90.000
#
_symmetry.space_group_name_H-M   'P 21 21 2'
#
loop_
_entity.id
_entity.type
_entity.pdbx_description
1 polymer 'Acyl-CoA dehydrogenase'
2 non-polymer 'FLAVIN-ADENINE DINUCLEOTIDE'
3 non-polymer 'butanoic acid'
4 non-polymer 'COENZYME A'
5 water water
#
_entity_poly.entity_id   1
_entity_poly.type   'polypeptide(L)'
_entity_poly.pdbx_seq_one_letter_code
;MSHYKSNVRDQVFNLFEVFGVDKVLGADKFSDLDADTAREMLTEIARLAEGPIAESFVEGDRNPPVFDPETHTVTLPEGF
KKSMRALFDGGWDKVGLAEHLGGIPMPRALQWALIEHILGANPAAYMYAMGPGMSEIFYNNGTDEQKKWATIAAERGWGA
TMVLTEPDAGSDVGAGRTKAVQQPDGTWHIEGVKRFITSADSDDLFENIMHLVLARPEGAGPGTKGLSLFFVPKFHFDHE
TGEIGERNGVFVTNVEHKMGLKVSATCELSLGQHGIPAVGWLVGEVHNGIAQMFDVIEQARMMVGTKAIATLSTGYLNAL
EYAKERVQGADMTQMTDKTAPRVTITHHPDVRRSLMTQKAYAEGLRAIYLYTATFQDAEVAQAVHGVDGDLAARVNDLLL
PIVKGFGSETAYAKLTESLQTLGGSGFLQDYPIEQYIRDSKIDSLYAGTTAIQAQDFFFRKIIRDKGQALAYVAGEIEQF
IKNENGNGRLKTERELLATALADVQGMAASLTGYLMAAQEDAASIYKVGLGSVRFLMAVGDLLSGWLLARQAAVAIEKLD
AGATGADKSFYEGKIAAASFFAKNMLPLLTSTRQIIENLDNDVMELDEAAF
;
_entity_poly.pdbx_strand_id   A,B
#
# COMPACT_ATOMS: atom_id res chain seq x y z
N MET A 1 -18.45 10.33 -16.13
CA MET A 1 -18.50 11.68 -15.55
C MET A 1 -17.18 11.97 -14.82
N SER A 2 -17.22 12.19 -13.50
CA SER A 2 -16.00 12.52 -12.78
C SER A 2 -15.34 11.26 -12.23
N HIS A 3 -14.20 11.44 -11.57
CA HIS A 3 -13.58 10.30 -10.91
C HIS A 3 -14.47 9.74 -9.81
N TYR A 4 -15.27 10.59 -9.16
CA TYR A 4 -15.96 10.19 -7.94
C TYR A 4 -17.22 9.38 -8.26
N LYS A 5 -17.28 8.14 -7.76
CA LYS A 5 -18.46 7.28 -7.90
C LYS A 5 -19.09 7.11 -6.52
N SER A 6 -20.31 7.64 -6.34
CA SER A 6 -20.98 7.71 -5.04
C SER A 6 -21.84 6.47 -4.81
N ASN A 7 -22.25 6.25 -3.56
CA ASN A 7 -23.14 5.11 -3.28
C ASN A 7 -24.24 5.52 -2.28
N VAL A 8 -25.12 6.43 -2.71
CA VAL A 8 -26.25 6.85 -1.87
C VAL A 8 -27.15 5.66 -1.56
N ARG A 9 -27.29 4.71 -2.50
CA ARG A 9 -28.18 3.58 -2.28
C ARG A 9 -27.76 2.77 -1.07
N ASP A 10 -26.45 2.54 -0.90
CA ASP A 10 -25.99 1.78 0.24
C ASP A 10 -26.12 2.59 1.52
N GLN A 11 -25.94 3.91 1.45
CA GLN A 11 -26.11 4.74 2.65
C GLN A 11 -27.55 4.70 3.15
N VAL A 12 -28.50 4.86 2.23
CA VAL A 12 -29.91 4.87 2.57
C VAL A 12 -30.32 3.50 3.09
N PHE A 13 -29.79 2.42 2.48
CA PHE A 13 -30.03 1.08 3.01
C PHE A 13 -29.61 0.99 4.48
N ASN A 14 -28.38 1.42 4.78
CA ASN A 14 -27.91 1.42 6.15
C ASN A 14 -28.80 2.28 7.04
N LEU A 15 -29.01 3.54 6.65
CA LEU A 15 -29.67 4.48 7.55
C LEU A 15 -31.09 4.03 7.89
N PHE A 16 -31.81 3.53 6.88
CA PHE A 16 -33.26 3.28 7.00
C PHE A 16 -33.58 1.80 7.18
N GLU A 17 -33.09 0.94 6.29
CA GLU A 17 -33.45 -0.48 6.35
C GLU A 17 -32.70 -1.26 7.43
N VAL A 18 -31.49 -0.84 7.81
CA VAL A 18 -30.70 -1.59 8.78
C VAL A 18 -30.76 -0.97 10.18
N PHE A 19 -30.48 0.33 10.29
CA PHE A 19 -30.40 0.96 11.61
C PHE A 19 -31.67 1.71 12.02
N GLY A 20 -32.54 2.09 11.08
CA GLY A 20 -33.81 2.68 11.47
C GLY A 20 -33.73 4.12 11.92
N VAL A 21 -32.76 4.87 11.41
CA VAL A 21 -32.62 6.27 11.78
C VAL A 21 -33.85 7.08 11.36
N ASP A 22 -34.57 6.62 10.34
CA ASP A 22 -35.80 7.32 9.99
C ASP A 22 -36.80 7.34 11.15
N LYS A 23 -36.68 6.42 12.12
CA LYS A 23 -37.57 6.43 13.29
C LYS A 23 -37.47 7.71 14.11
N VAL A 24 -36.31 8.41 14.08
CA VAL A 24 -36.22 9.67 14.84
C VAL A 24 -36.51 10.89 13.99
N LEU A 25 -36.54 10.74 12.66
CA LEU A 25 -36.76 11.89 11.80
C LEU A 25 -38.21 12.37 11.96
N GLY A 26 -38.38 13.67 12.18
CA GLY A 26 -39.69 14.21 12.46
C GLY A 26 -40.05 14.31 13.93
N ALA A 27 -39.15 13.90 14.83
CA ALA A 27 -39.45 13.91 16.24
C ALA A 27 -38.37 14.67 16.99
N ASP A 28 -38.79 15.49 17.93
CA ASP A 28 -37.91 16.07 18.96
C ASP A 28 -36.88 16.95 18.27
N LYS A 29 -35.59 16.80 18.56
CA LYS A 29 -34.56 17.64 17.96
C LYS A 29 -34.69 17.70 16.43
N PHE A 30 -35.12 16.61 15.81
CA PHE A 30 -35.21 16.53 14.35
C PHE A 30 -36.63 16.76 13.86
N SER A 31 -37.37 17.58 14.62
CA SER A 31 -38.79 17.83 14.35
C SER A 31 -39.04 18.21 12.90
N ASP A 32 -38.14 18.99 12.31
CA ASP A 32 -38.37 19.63 11.03
C ASP A 32 -37.61 18.95 9.88
N LEU A 33 -37.33 17.65 10.00
CA LEU A 33 -36.55 16.96 8.97
C LEU A 33 -37.11 15.55 8.80
N ASP A 34 -37.77 15.28 7.69
CA ASP A 34 -38.40 13.99 7.50
C ASP A 34 -37.51 13.11 6.63
N ALA A 35 -37.92 11.85 6.50
CA ALA A 35 -37.11 10.86 5.78
C ALA A 35 -36.91 11.25 4.33
N ASP A 36 -37.97 11.72 3.66
CA ASP A 36 -37.84 12.12 2.26
C ASP A 36 -36.82 13.25 2.09
N THR A 37 -36.85 14.23 2.99
CA THR A 37 -35.93 15.35 2.88
C THR A 37 -34.49 14.90 3.11
N ALA A 38 -34.28 13.98 4.04
CA ALA A 38 -32.94 13.44 4.27
C ALA A 38 -32.43 12.74 3.02
N ARG A 39 -33.29 11.95 2.37
CA ARG A 39 -32.86 11.26 1.15
C ARG A 39 -32.53 12.26 0.05
N GLU A 40 -33.36 13.29 -0.12
CA GLU A 40 -33.08 14.33 -1.11
C GLU A 40 -31.78 15.06 -0.81
N MET A 41 -31.46 15.27 0.48
CA MET A 41 -30.20 15.92 0.84
C MET A 41 -29.00 15.07 0.45
N LEU A 42 -29.07 13.76 0.70
CA LEU A 42 -27.97 12.86 0.34
C LEU A 42 -27.75 12.83 -1.16
N THR A 43 -28.84 12.75 -1.92
CA THR A 43 -28.73 12.74 -3.37
C THR A 43 -28.17 14.06 -3.89
N GLU A 44 -28.56 15.18 -3.28
CA GLU A 44 -28.08 16.48 -3.74
C GLU A 44 -26.59 16.69 -3.45
N ILE A 45 -26.10 16.33 -2.26
CA ILE A 45 -24.68 16.51 -2.04
C ILE A 45 -23.88 15.46 -2.81
N ALA A 46 -24.45 14.28 -3.06
CA ALA A 46 -23.78 13.32 -3.92
C ALA A 46 -23.57 13.89 -5.32
N ARG A 47 -24.58 14.58 -5.86
CA ARG A 47 -24.41 15.24 -7.15
C ARG A 47 -23.41 16.40 -7.07
N LEU A 48 -23.47 17.18 -5.98
CA LEU A 48 -22.48 18.22 -5.79
C LEU A 48 -21.06 17.63 -5.77
N ALA A 49 -20.89 16.50 -5.09
CA ALA A 49 -19.57 15.89 -5.00
C ALA A 49 -19.12 15.38 -6.38
N GLU A 50 -19.99 14.66 -7.07
CA GLU A 50 -19.65 14.14 -8.40
C GLU A 50 -19.41 15.27 -9.40
N GLY A 51 -20.04 16.44 -9.21
CA GLY A 51 -19.93 17.54 -10.14
C GLY A 51 -18.80 18.50 -9.78
N PRO A 52 -19.14 19.67 -9.22
CA PRO A 52 -18.12 20.71 -9.02
C PRO A 52 -17.03 20.37 -8.00
N ILE A 53 -17.32 19.52 -7.00
CA ILE A 53 -16.28 19.18 -6.02
C ILE A 53 -15.21 18.31 -6.66
N ALA A 54 -15.63 17.19 -7.27
CA ALA A 54 -14.68 16.29 -7.92
C ALA A 54 -14.00 16.94 -9.10
N GLU A 55 -14.59 17.99 -9.67
CA GLU A 55 -14.01 18.62 -10.85
C GLU A 55 -12.55 18.99 -10.67
N SER A 56 -12.14 19.38 -9.45
CA SER A 56 -10.76 19.85 -9.25
C SER A 56 -9.90 18.86 -8.47
N PHE A 57 -10.33 17.60 -8.35
CA PHE A 57 -9.56 16.59 -7.63
C PHE A 57 -8.18 16.42 -8.23
N VAL A 58 -8.13 16.27 -9.56
CA VAL A 58 -6.87 16.10 -10.25
C VAL A 58 -6.05 17.38 -10.21
N GLU A 59 -6.70 18.52 -10.52
CA GLU A 59 -5.99 19.80 -10.55
C GLU A 59 -5.30 20.09 -9.21
N GLY A 60 -5.97 19.83 -8.09
CA GLY A 60 -5.33 20.10 -6.80
C GLY A 60 -4.04 19.31 -6.59
N ASP A 61 -3.98 18.09 -7.14
CA ASP A 61 -2.79 17.25 -7.02
C ASP A 61 -1.71 17.61 -8.06
N ARG A 62 -2.07 17.89 -9.30
CA ARG A 62 -1.08 18.20 -10.33
C ARG A 62 -0.56 19.63 -10.25
N ASN A 63 -1.30 20.56 -9.64
CA ASN A 63 -0.94 21.98 -9.58
C ASN A 63 -1.07 22.43 -8.13
N PRO A 64 -0.23 21.91 -7.25
CA PRO A 64 -0.49 21.98 -5.82
C PRO A 64 -0.29 23.38 -5.25
N PRO A 65 -0.68 23.62 -4.00
CA PRO A 65 -0.49 24.95 -3.38
C PRO A 65 0.97 25.39 -3.37
N VAL A 66 1.15 26.72 -3.33
CA VAL A 66 2.46 27.35 -3.37
C VAL A 66 2.57 28.29 -2.16
N PHE A 67 3.65 28.16 -1.40
CA PHE A 67 3.96 29.07 -0.30
C PHE A 67 4.64 30.32 -0.85
N ASP A 68 4.21 31.49 -0.39
CA ASP A 68 4.81 32.76 -0.79
C ASP A 68 5.56 33.37 0.40
N PRO A 69 6.90 33.27 0.45
CA PRO A 69 7.63 33.87 1.58
C PRO A 69 7.56 35.40 1.59
N GLU A 70 7.17 36.04 0.49
CA GLU A 70 7.07 37.50 0.47
C GLU A 70 5.91 37.98 1.33
N THR A 71 4.89 37.12 1.54
CA THR A 71 3.69 37.51 2.29
C THR A 71 3.33 36.53 3.37
N HIS A 72 4.07 35.43 3.51
CA HIS A 72 3.73 34.38 4.45
C HIS A 72 2.28 33.94 4.30
N THR A 73 1.90 33.61 3.07
CA THR A 73 0.60 33.07 2.72
C THR A 73 0.79 31.88 1.77
N VAL A 74 -0.30 31.14 1.51
CA VAL A 74 -0.32 30.07 0.51
C VAL A 74 -1.34 30.42 -0.54
N THR A 75 -1.02 30.10 -1.80
CA THR A 75 -1.95 30.27 -2.90
C THR A 75 -2.47 28.90 -3.31
N LEU A 76 -3.74 28.82 -3.65
CA LEU A 76 -4.41 27.56 -4.01
C LEU A 76 -4.76 27.60 -5.50
N PRO A 77 -4.79 26.47 -6.19
CA PRO A 77 -5.18 26.49 -7.60
C PRO A 77 -6.62 26.97 -7.75
N GLU A 78 -6.86 27.71 -8.83
CA GLU A 78 -8.13 28.39 -9.03
C GLU A 78 -9.28 27.40 -9.13
N GLY A 79 -9.07 26.26 -9.81
CA GLY A 79 -10.15 25.30 -9.93
C GLY A 79 -10.60 24.75 -8.58
N PHE A 80 -9.65 24.58 -7.65
CA PHE A 80 -10.01 24.09 -6.32
C PHE A 80 -10.77 25.13 -5.53
N LYS A 81 -10.42 26.42 -5.66
CA LYS A 81 -11.19 27.46 -5.00
C LYS A 81 -12.61 27.54 -5.57
N LYS A 82 -12.77 27.32 -6.89
CA LYS A 82 -14.13 27.22 -7.44
C LYS A 82 -14.94 26.09 -6.78
N SER A 83 -14.33 24.91 -6.57
CA SER A 83 -15.02 23.84 -5.84
C SER A 83 -15.40 24.29 -4.44
N MET A 84 -14.49 24.95 -3.72
CA MET A 84 -14.80 25.42 -2.38
C MET A 84 -16.01 26.35 -2.39
N ARG A 85 -16.06 27.26 -3.38
CA ARG A 85 -17.19 28.18 -3.46
C ARG A 85 -18.50 27.44 -3.70
N ALA A 86 -18.46 26.34 -4.47
CA ALA A 86 -19.65 25.53 -4.67
C ALA A 86 -20.10 24.89 -3.36
N LEU A 87 -19.15 24.44 -2.54
CA LEU A 87 -19.47 23.93 -1.22
C LEU A 87 -20.12 25.01 -0.34
N PHE A 88 -19.50 26.18 -0.26
CA PHE A 88 -20.02 27.25 0.60
C PHE A 88 -21.38 27.73 0.10
N ASP A 89 -21.50 27.97 -1.21
CA ASP A 89 -22.74 28.53 -1.77
C ASP A 89 -23.92 27.60 -1.52
N GLY A 90 -23.68 26.29 -1.42
CA GLY A 90 -24.74 25.41 -1.00
C GLY A 90 -25.00 25.34 0.48
N GLY A 91 -24.21 26.03 1.32
CA GLY A 91 -24.34 25.85 2.75
C GLY A 91 -23.84 24.53 3.29
N TRP A 92 -23.00 23.81 2.56
CA TRP A 92 -22.58 22.49 3.04
C TRP A 92 -21.48 22.56 4.10
N ASP A 93 -20.85 23.71 4.32
CA ASP A 93 -19.92 23.84 5.45
C ASP A 93 -20.62 24.01 6.79
N LYS A 94 -21.95 23.97 6.81
CA LYS A 94 -22.73 24.05 8.03
C LYS A 94 -23.53 22.77 8.28
N VAL A 95 -23.02 21.64 7.79
CA VAL A 95 -23.71 20.35 7.92
C VAL A 95 -23.66 19.90 9.37
N GLY A 96 -24.82 19.67 9.98
CA GLY A 96 -24.90 19.34 11.40
C GLY A 96 -24.51 20.45 12.35
N LEU A 97 -24.29 21.67 11.84
CA LEU A 97 -24.07 22.82 12.70
C LEU A 97 -25.31 23.06 13.57
N ALA A 98 -25.08 23.47 14.82
CA ALA A 98 -26.19 23.81 15.71
C ALA A 98 -27.10 24.84 15.06
N GLU A 99 -28.38 24.72 15.36
CA GLU A 99 -29.38 25.64 14.82
C GLU A 99 -29.06 27.12 15.14
N HIS A 100 -28.68 27.42 16.38
CA HIS A 100 -28.37 28.81 16.73
C HIS A 100 -27.15 29.36 16.00
N LEU A 101 -26.32 28.50 15.41
CA LEU A 101 -25.20 28.95 14.58
C LEU A 101 -25.57 28.97 13.10
N GLY A 102 -26.84 28.68 12.78
CA GLY A 102 -27.28 28.64 11.40
C GLY A 102 -27.38 27.27 10.78
N GLY A 103 -27.24 26.19 11.55
CA GLY A 103 -27.27 24.86 10.98
C GLY A 103 -28.68 24.27 10.83
N ILE A 104 -28.73 23.11 10.19
CA ILE A 104 -29.94 22.32 10.07
C ILE A 104 -29.80 21.12 11.02
N PRO A 105 -30.59 21.05 12.09
CA PRO A 105 -30.52 19.90 13.00
C PRO A 105 -30.72 18.59 12.25
N MET A 106 -29.88 17.61 12.55
CA MET A 106 -29.98 16.31 11.91
C MET A 106 -29.22 15.29 12.72
N PRO A 107 -29.56 14.01 12.61
CA PRO A 107 -28.75 12.96 13.26
C PRO A 107 -27.31 12.97 12.75
N ARG A 108 -26.37 12.63 13.66
CA ARG A 108 -24.97 12.55 13.24
C ARG A 108 -24.79 11.49 12.15
N ALA A 109 -25.56 10.41 12.23
CA ALA A 109 -25.46 9.36 11.22
C ALA A 109 -25.77 9.90 9.82
N LEU A 110 -26.77 10.77 9.71
CA LEU A 110 -27.02 11.44 8.44
C LEU A 110 -25.93 12.46 8.14
N GLN A 111 -25.48 13.22 9.14
CA GLN A 111 -24.42 14.20 8.90
C GLN A 111 -23.19 13.55 8.28
N TRP A 112 -22.74 12.40 8.83
CA TRP A 112 -21.52 11.77 8.31
C TRP A 112 -21.75 11.14 6.95
N ALA A 113 -22.95 10.62 6.67
CA ALA A 113 -23.26 10.12 5.33
C ALA A 113 -23.19 11.23 4.29
N LEU A 114 -23.64 12.44 4.64
CA LEU A 114 -23.49 13.58 3.71
C LEU A 114 -22.02 13.92 3.50
N ILE A 115 -21.24 13.96 4.58
CA ILE A 115 -19.83 14.35 4.49
C ILE A 115 -19.02 13.31 3.68
N GLU A 116 -19.43 12.04 3.73
CA GLU A 116 -18.77 11.00 2.97
C GLU A 116 -18.59 11.38 1.49
N HIS A 117 -19.60 12.02 0.89
CA HIS A 117 -19.51 12.39 -0.51
C HIS A 117 -18.42 13.42 -0.76
N ILE A 118 -18.29 14.41 0.10
CA ILE A 118 -17.22 15.38 -0.07
C ILE A 118 -15.87 14.71 0.11
N LEU A 119 -15.76 13.82 1.08
CA LEU A 119 -14.47 13.17 1.35
C LEU A 119 -14.08 12.22 0.21
N GLY A 120 -15.05 11.59 -0.44
CA GLY A 120 -14.71 10.77 -1.60
C GLY A 120 -14.33 11.59 -2.81
N ALA A 121 -14.96 12.76 -3.00
CA ALA A 121 -14.74 13.50 -4.23
C ALA A 121 -13.49 14.39 -4.19
N ASN A 122 -13.19 14.98 -3.02
CA ASN A 122 -12.08 15.91 -2.89
C ASN A 122 -11.94 16.18 -1.40
N PRO A 123 -11.33 15.26 -0.62
CA PRO A 123 -11.42 15.36 0.86
C PRO A 123 -10.81 16.61 1.44
N ALA A 124 -9.78 17.19 0.81
CA ALA A 124 -9.24 18.44 1.34
C ALA A 124 -10.29 19.55 1.35
N ALA A 125 -11.28 19.49 0.43
CA ALA A 125 -12.34 20.49 0.45
C ALA A 125 -13.14 20.44 1.75
N TYR A 126 -13.47 19.24 2.24
CA TYR A 126 -14.13 19.16 3.54
C TYR A 126 -13.23 19.74 4.63
N MET A 127 -11.94 19.42 4.59
CA MET A 127 -11.04 19.85 5.66
C MET A 127 -10.94 21.37 5.72
N TYR A 128 -10.84 22.04 4.58
CA TYR A 128 -10.89 23.51 4.60
C TYR A 128 -12.24 24.03 5.07
N ALA A 129 -13.31 23.24 4.96
CA ALA A 129 -14.65 23.70 5.33
C ALA A 129 -15.01 23.34 6.76
N MET A 130 -14.06 22.87 7.57
CA MET A 130 -14.36 22.47 8.96
C MET A 130 -14.43 23.66 9.90
N GLY A 131 -14.32 24.89 9.38
CA GLY A 131 -14.28 26.09 10.21
C GLY A 131 -15.50 26.22 11.10
N PRO A 132 -16.70 26.24 10.51
CA PRO A 132 -17.91 26.45 11.34
C PRO A 132 -18.09 25.38 12.41
N GLY A 133 -17.76 24.12 12.10
CA GLY A 133 -17.83 23.08 13.10
C GLY A 133 -16.85 23.27 14.24
N MET A 134 -15.66 23.81 13.95
CA MET A 134 -14.75 24.14 15.04
C MET A 134 -15.18 25.40 15.78
N SER A 135 -15.84 26.34 15.11
CA SER A 135 -16.42 27.46 15.86
C SER A 135 -17.45 26.97 16.86
N GLU A 136 -18.21 25.92 16.52
CA GLU A 136 -19.20 25.42 17.45
C GLU A 136 -18.52 24.79 18.67
N ILE A 137 -17.41 24.09 18.47
CA ILE A 137 -16.68 23.55 19.60
C ILE A 137 -16.14 24.68 20.48
N PHE A 138 -15.62 25.73 19.86
CA PHE A 138 -15.19 26.90 20.64
C PHE A 138 -16.37 27.50 21.41
N TYR A 139 -17.50 27.70 20.74
CA TYR A 139 -18.76 28.12 21.39
C TYR A 139 -19.06 27.30 22.64
N ASN A 140 -19.15 25.96 22.48
CA ASN A 140 -19.50 25.08 23.60
C ASN A 140 -18.53 25.20 24.77
N ASN A 141 -17.25 25.46 24.50
CA ASN A 141 -16.25 25.54 25.55
C ASN A 141 -15.98 26.96 26.00
N GLY A 142 -16.60 27.95 25.38
CA GLY A 142 -16.23 29.32 25.65
C GLY A 142 -17.02 29.95 26.79
N THR A 143 -16.52 31.09 27.26
CA THR A 143 -17.31 31.93 28.16
C THR A 143 -18.46 32.56 27.40
N ASP A 144 -19.28 33.34 28.12
CA ASP A 144 -20.42 33.99 27.48
C ASP A 144 -19.94 35.02 26.46
N GLU A 145 -18.88 35.76 26.80
CA GLU A 145 -18.32 36.71 25.84
C GLU A 145 -17.79 35.98 24.60
N GLN A 146 -17.09 34.87 24.81
CA GLN A 146 -16.46 34.14 23.71
C GLN A 146 -17.50 33.51 22.79
N LYS A 147 -18.63 33.08 23.35
CA LYS A 147 -19.74 32.59 22.54
C LYS A 147 -20.20 33.62 21.52
N LYS A 148 -20.13 34.92 21.84
CA LYS A 148 -20.40 35.95 20.85
C LYS A 148 -19.44 35.87 19.68
N TRP A 149 -18.15 35.69 19.96
CA TRP A 149 -17.16 35.67 18.88
C TRP A 149 -17.35 34.42 18.01
N ALA A 150 -17.57 33.27 18.66
CA ALA A 150 -17.76 32.01 17.94
C ALA A 150 -18.99 32.09 17.05
N THR A 151 -20.03 32.76 17.51
CA THR A 151 -21.20 33.00 16.68
C THR A 151 -20.83 33.75 15.43
N ILE A 152 -20.09 34.86 15.60
CA ILE A 152 -19.60 35.64 14.47
C ILE A 152 -18.77 34.77 13.54
N ALA A 153 -17.88 33.94 14.11
CA ALA A 153 -16.97 33.11 13.31
C ALA A 153 -17.75 32.12 12.46
N ALA A 154 -18.77 31.47 13.05
CA ALA A 154 -19.55 30.49 12.31
C ALA A 154 -20.35 31.16 11.20
N GLU A 155 -20.96 32.30 11.51
CA GLU A 155 -21.84 32.97 10.55
C GLU A 155 -21.04 33.60 9.42
N ARG A 156 -19.85 34.12 9.72
CA ARG A 156 -18.99 34.61 8.65
C ARG A 156 -18.23 33.50 7.93
N GLY A 157 -18.32 32.26 8.37
CA GLY A 157 -17.66 31.18 7.65
C GLY A 157 -16.14 31.18 7.71
N TRP A 158 -15.56 31.64 8.81
CA TRP A 158 -14.12 31.62 8.98
C TRP A 158 -13.58 30.20 8.92
N GLY A 159 -12.39 30.05 8.34
CA GLY A 159 -11.64 28.82 8.46
C GLY A 159 -11.17 28.62 9.88
N ALA A 160 -10.65 27.43 10.15
CA ALA A 160 -10.14 27.11 11.49
C ALA A 160 -9.08 26.02 11.38
N THR A 161 -8.22 25.98 12.38
CA THR A 161 -7.16 24.98 12.45
C THR A 161 -7.17 24.38 13.85
N MET A 162 -6.61 23.19 13.97
CA MET A 162 -6.31 22.63 15.27
C MET A 162 -4.79 22.54 15.39
N VAL A 163 -4.24 23.18 16.41
CA VAL A 163 -2.80 23.47 16.42
C VAL A 163 -2.21 22.78 17.65
N LEU A 164 -1.74 21.54 17.49
CA LEU A 164 -1.10 20.81 18.57
C LEU A 164 0.37 20.50 18.30
N THR A 165 0.65 19.91 17.15
CA THR A 165 1.92 19.24 16.90
C THR A 165 3.06 20.26 16.81
N GLU A 166 4.23 19.82 17.27
CA GLU A 166 5.50 20.53 17.22
C GLU A 166 6.55 19.56 16.70
N PRO A 167 7.71 20.07 16.27
CA PRO A 167 8.75 19.14 15.77
C PRO A 167 9.10 18.01 16.72
N ASP A 168 9.09 18.25 18.04
CA ASP A 168 9.45 17.21 19.00
C ASP A 168 8.25 16.66 19.76
N ALA A 169 7.02 17.04 19.39
CA ALA A 169 5.83 16.61 20.12
C ALA A 169 4.73 16.30 19.13
N GLY A 170 4.69 15.04 18.68
CA GLY A 170 3.60 14.62 17.81
C GLY A 170 2.69 13.64 18.51
N SER A 171 3.09 12.37 18.59
CA SER A 171 2.30 11.40 19.37
C SER A 171 2.26 11.81 20.84
N ASP A 172 3.38 12.34 21.35
CA ASP A 172 3.50 12.75 22.75
C ASP A 172 3.11 14.23 22.85
N VAL A 173 1.80 14.47 22.80
CA VAL A 173 1.30 15.85 22.81
C VAL A 173 1.82 16.59 24.03
N GLY A 174 1.93 15.89 25.17
CA GLY A 174 2.31 16.51 26.44
C GLY A 174 3.74 16.99 26.53
N ALA A 175 4.56 16.69 25.53
CA ALA A 175 5.90 17.24 25.48
C ALA A 175 5.96 18.60 24.78
N GLY A 176 4.82 19.15 24.38
CA GLY A 176 4.82 20.45 23.71
C GLY A 176 5.44 21.53 24.59
N ARG A 177 6.16 22.46 23.94
CA ARG A 177 6.84 23.56 24.60
C ARG A 177 6.39 24.95 24.19
N THR A 178 5.47 25.07 23.20
CA THR A 178 4.90 26.38 22.91
C THR A 178 4.38 27.02 24.22
N LYS A 179 4.74 28.28 24.46
CA LYS A 179 4.53 28.92 25.74
C LYS A 179 3.39 29.93 25.64
N ALA A 180 2.69 30.16 26.77
CA ALA A 180 1.68 31.21 26.88
C ALA A 180 2.02 32.12 28.05
N VAL A 181 2.11 33.43 27.79
CA VAL A 181 2.42 34.45 28.80
C VAL A 181 1.23 35.37 28.97
N GLN A 182 0.67 35.39 30.18
CA GLN A 182 -0.49 36.24 30.43
C GLN A 182 -0.09 37.71 30.37
N GLN A 183 -0.92 38.53 29.72
CA GLN A 183 -0.67 39.95 29.65
C GLN A 183 -1.47 40.68 30.73
N PRO A 184 -1.11 41.95 31.04
CA PRO A 184 -1.90 42.72 32.03
C PRO A 184 -3.40 42.71 31.74
N ASP A 185 -3.83 42.77 30.47
CA ASP A 185 -5.25 42.87 30.16
C ASP A 185 -5.95 41.53 30.13
N GLY A 186 -5.29 40.45 30.54
CA GLY A 186 -5.93 39.15 30.58
C GLY A 186 -5.83 38.35 29.30
N THR A 187 -5.36 38.94 28.20
CA THR A 187 -5.01 38.16 27.00
C THR A 187 -3.67 37.45 27.25
N TRP A 188 -3.24 36.62 26.28
CA TRP A 188 -1.99 35.88 26.40
C TRP A 188 -1.14 36.10 25.13
N HIS A 189 0.18 36.04 25.27
CA HIS A 189 1.07 36.03 24.11
C HIS A 189 1.60 34.61 23.92
N ILE A 190 1.33 34.02 22.76
CA ILE A 190 1.69 32.64 22.49
C ILE A 190 3.02 32.64 21.75
N GLU A 191 3.95 31.80 22.17
CA GLU A 191 5.29 31.82 21.58
C GLU A 191 5.72 30.40 21.29
N GLY A 192 5.98 30.11 20.03
CA GLY A 192 6.45 28.79 19.67
C GLY A 192 6.26 28.50 18.20
N VAL A 193 6.74 27.33 17.81
CA VAL A 193 6.66 26.87 16.43
C VAL A 193 5.88 25.56 16.41
N LYS A 194 4.83 25.51 15.58
CA LYS A 194 4.04 24.29 15.44
C LYS A 194 4.23 23.76 14.02
N ARG A 195 3.99 22.46 13.85
CA ARG A 195 4.37 21.77 12.62
C ARG A 195 3.20 20.92 12.13
N PHE A 196 3.14 20.73 10.80
CA PHE A 196 2.11 19.88 10.18
C PHE A 196 0.70 20.41 10.44
N ILE A 197 0.50 21.72 10.42
CA ILE A 197 -0.84 22.26 10.68
C ILE A 197 -1.62 22.34 9.37
N THR A 198 -2.71 21.57 9.28
CA THR A 198 -3.61 21.55 8.14
C THR A 198 -4.39 22.86 8.04
N SER A 199 -4.47 23.39 6.81
CA SER A 199 -5.22 24.64 6.52
C SER A 199 -4.65 25.86 7.25
N ALA A 200 -3.36 25.88 7.61
CA ALA A 200 -2.86 26.97 8.43
C ALA A 200 -2.90 28.29 7.69
N ASP A 201 -2.86 28.23 6.36
CA ASP A 201 -3.31 29.33 5.52
C ASP A 201 -4.12 28.72 4.39
N SER A 202 -5.01 29.50 3.84
CA SER A 202 -5.94 29.02 2.84
C SER A 202 -6.22 30.09 1.78
N ASP A 203 -5.20 30.88 1.43
CA ASP A 203 -5.31 31.81 0.27
C ASP A 203 -6.39 32.84 0.62
N ASP A 204 -7.25 33.22 -0.32
CA ASP A 204 -8.35 34.14 -0.04
C ASP A 204 -9.68 33.41 0.10
N LEU A 205 -9.69 32.16 0.58
CA LEU A 205 -10.96 31.47 0.78
C LEU A 205 -11.81 32.14 1.86
N PHE A 206 -11.19 32.63 2.93
CA PHE A 206 -11.92 33.16 4.08
C PHE A 206 -11.38 34.53 4.47
N GLU A 207 -12.19 35.29 5.22
CA GLU A 207 -11.74 36.60 5.69
C GLU A 207 -10.96 36.49 7.00
N ASN A 208 -11.02 35.35 7.67
CA ASN A 208 -10.26 35.12 8.88
C ASN A 208 -10.08 33.63 9.08
N ILE A 209 -9.13 33.28 9.95
CA ILE A 209 -8.92 31.90 10.38
C ILE A 209 -8.85 31.89 11.90
N MET A 210 -9.57 30.97 12.52
CA MET A 210 -9.46 30.73 13.96
C MET A 210 -8.48 29.60 14.20
N HIS A 211 -7.33 29.92 14.78
CA HIS A 211 -6.41 28.86 15.21
C HIS A 211 -6.75 28.46 16.64
N LEU A 212 -6.93 27.17 16.87
CA LEU A 212 -7.19 26.67 18.22
C LEU A 212 -5.88 26.02 18.67
N VAL A 213 -5.14 26.72 19.55
CA VAL A 213 -3.73 26.44 19.79
C VAL A 213 -3.55 25.90 21.21
N LEU A 214 -2.88 24.78 21.31
CA LEU A 214 -2.46 24.26 22.61
C LEU A 214 -1.12 24.91 22.98
N ALA A 215 -1.03 25.44 24.21
CA ALA A 215 0.23 26.00 24.70
C ALA A 215 0.28 25.90 26.22
N ARG A 216 1.51 25.99 26.73
CA ARG A 216 1.73 25.77 28.16
C ARG A 216 1.88 27.10 28.87
N PRO A 217 0.95 27.49 29.74
CA PRO A 217 1.14 28.74 30.49
C PRO A 217 2.44 28.70 31.28
N GLU A 218 3.15 29.82 31.31
CA GLU A 218 4.32 29.95 32.18
C GLU A 218 3.99 29.44 33.57
N GLY A 219 4.89 28.61 34.12
CA GLY A 219 4.72 28.07 35.45
C GLY A 219 3.83 26.86 35.54
N ALA A 220 3.16 26.44 34.47
CA ALA A 220 2.29 25.29 34.57
C ALA A 220 3.11 24.00 34.64
N GLY A 221 2.48 22.94 35.11
CA GLY A 221 3.16 21.68 35.23
C GLY A 221 3.46 21.06 33.86
N PRO A 222 4.07 19.88 33.89
CA PRO A 222 4.44 19.21 32.62
C PRO A 222 3.31 18.37 32.02
N GLY A 223 3.55 17.75 30.85
CA GLY A 223 2.57 16.82 30.30
C GLY A 223 1.33 17.49 29.71
N THR A 224 0.39 16.66 29.30
CA THR A 224 -0.86 17.19 28.75
C THR A 224 -1.66 17.92 29.80
N LYS A 225 -1.59 17.50 31.07
CA LYS A 225 -2.41 18.17 32.08
C LYS A 225 -2.00 19.62 32.28
N GLY A 226 -0.74 19.99 32.00
CA GLY A 226 -0.36 21.40 32.02
C GLY A 226 -0.70 22.25 30.79
N LEU A 227 -1.36 21.69 29.77
CA LEU A 227 -1.64 22.46 28.56
C LEU A 227 -2.98 23.18 28.69
N SER A 228 -3.04 24.36 28.10
CA SER A 228 -4.27 25.13 27.93
C SER A 228 -4.51 25.36 26.44
N LEU A 229 -5.75 25.75 26.13
CA LEU A 229 -6.19 25.96 24.76
C LEU A 229 -6.50 27.43 24.54
N PHE A 230 -6.02 27.99 23.42
CA PHE A 230 -6.17 29.41 23.14
C PHE A 230 -6.83 29.68 21.79
N PHE A 231 -7.73 30.65 21.77
CA PHE A 231 -8.32 31.18 20.55
C PHE A 231 -7.34 32.22 19.97
N VAL A 232 -6.72 31.90 18.83
CA VAL A 232 -5.71 32.75 18.21
C VAL A 232 -6.14 33.07 16.78
N PRO A 233 -6.74 34.23 16.50
CA PRO A 233 -7.22 34.49 15.15
C PRO A 233 -6.09 35.00 14.30
N LYS A 234 -6.21 34.75 12.99
CA LYS A 234 -5.26 35.30 12.03
C LYS A 234 -5.26 36.82 12.04
N PHE A 235 -6.44 37.42 12.00
CA PHE A 235 -6.64 38.85 12.10
C PHE A 235 -7.38 39.15 13.40
N HIS A 236 -6.95 40.20 14.10
CA HIS A 236 -7.78 40.77 15.15
C HIS A 236 -9.10 41.25 14.54
N PHE A 237 -10.12 41.40 15.38
CA PHE A 237 -11.42 41.79 14.86
C PHE A 237 -12.24 42.39 15.98
N ASP A 238 -13.18 43.24 15.60
CA ASP A 238 -14.11 43.85 16.57
C ASP A 238 -14.97 42.77 17.23
N HIS A 239 -14.85 42.63 18.55
CA HIS A 239 -15.54 41.57 19.29
C HIS A 239 -17.06 41.71 19.27
N GLU A 240 -17.61 42.86 18.87
CA GLU A 240 -19.06 42.99 18.73
C GLU A 240 -19.53 42.90 17.28
N THR A 241 -18.90 43.62 16.36
CA THR A 241 -19.37 43.64 14.98
C THR A 241 -18.68 42.61 14.10
N GLY A 242 -17.55 42.07 14.53
CA GLY A 242 -16.84 41.16 13.67
C GLY A 242 -15.93 41.80 12.64
N GLU A 243 -15.87 43.14 12.59
CA GLU A 243 -15.07 43.79 11.55
C GLU A 243 -13.60 43.39 11.67
N ILE A 244 -13.00 43.05 10.52
CA ILE A 244 -11.63 42.53 10.53
C ILE A 244 -10.65 43.69 10.74
N GLY A 245 -9.71 43.49 11.67
CA GLY A 245 -8.71 44.50 11.98
C GLY A 245 -7.29 44.09 11.64
N GLU A 246 -6.35 44.41 12.51
CA GLU A 246 -4.93 44.23 12.24
C GLU A 246 -4.52 42.76 12.28
N ARG A 247 -3.47 42.46 11.55
CA ARG A 247 -2.89 41.14 11.52
C ARG A 247 -2.37 40.75 12.90
N ASN A 248 -2.68 39.53 13.32
CA ASN A 248 -2.17 38.93 14.53
C ASN A 248 -0.90 38.13 14.20
N GLY A 249 -0.04 37.94 15.21
CA GLY A 249 1.31 37.49 14.94
C GLY A 249 1.49 35.98 14.78
N VAL A 250 0.71 35.39 13.88
CA VAL A 250 0.69 33.94 13.69
C VAL A 250 0.82 33.70 12.18
N PHE A 251 1.97 33.13 11.76
CA PHE A 251 2.39 33.16 10.38
C PHE A 251 2.84 31.78 9.93
N VAL A 252 2.36 31.35 8.76
CA VAL A 252 2.89 30.16 8.11
C VAL A 252 4.30 30.45 7.61
N THR A 253 5.22 29.50 7.78
CA THR A 253 6.59 29.70 7.31
C THR A 253 7.05 28.72 6.24
N ASN A 254 6.22 27.72 5.90
CA ASN A 254 6.61 26.66 4.96
C ASN A 254 5.37 25.84 4.67
N VAL A 255 5.28 25.30 3.45
CA VAL A 255 4.25 24.31 3.12
C VAL A 255 4.94 22.99 2.77
N GLU A 256 4.47 21.90 3.37
CA GLU A 256 5.12 20.61 3.18
C GLU A 256 4.79 20.06 1.80
N HIS A 257 5.75 19.30 1.26
CA HIS A 257 5.59 18.60 0.00
C HIS A 257 5.29 17.14 0.35
N LYS A 258 4.08 16.71 0.06
CA LYS A 258 3.56 15.46 0.58
C LYS A 258 3.33 14.43 -0.53
N MET A 259 3.21 13.19 -0.11
CA MET A 259 2.96 12.09 -1.05
C MET A 259 1.63 12.30 -1.76
N GLY A 260 0.62 12.79 -1.04
CA GLY A 260 -0.70 13.03 -1.58
C GLY A 260 -1.41 14.02 -0.69
N LEU A 261 -2.74 14.07 -0.84
CA LEU A 261 -3.55 15.13 -0.22
C LEU A 261 -2.89 16.50 -0.44
N LYS A 262 -2.29 16.67 -1.62
CA LYS A 262 -1.42 17.83 -1.85
C LYS A 262 -2.14 19.16 -1.75
N VAL A 263 -3.43 19.23 -2.14
CA VAL A 263 -4.10 20.52 -2.12
C VAL A 263 -4.48 20.97 -0.71
N SER A 264 -4.38 20.11 0.29
CA SER A 264 -4.49 20.53 1.70
C SER A 264 -3.16 21.13 2.14
N ALA A 265 -3.12 22.44 2.37
CA ALA A 265 -1.85 23.06 2.73
C ALA A 265 -1.48 22.66 4.15
N THR A 266 -0.32 22.02 4.30
CA THR A 266 0.14 21.51 5.59
C THR A 266 1.37 22.34 5.98
N CYS A 267 1.26 23.11 7.06
CA CYS A 267 2.16 24.25 7.23
C CYS A 267 2.91 24.22 8.54
N GLU A 268 4.13 24.72 8.50
CA GLU A 268 4.76 25.17 9.73
C GLU A 268 4.14 26.49 10.14
N LEU A 269 3.78 26.62 11.41
CA LEU A 269 3.02 27.78 11.88
C LEU A 269 3.79 28.39 13.05
N SER A 270 4.28 29.62 12.87
CA SER A 270 5.09 30.27 13.90
C SER A 270 4.22 31.26 14.64
N LEU A 271 4.28 31.21 15.97
CA LEU A 271 3.52 32.11 16.82
C LEU A 271 4.49 33.08 17.50
N GLY A 272 4.31 34.37 17.22
CA GLY A 272 5.05 35.42 17.87
C GLY A 272 6.54 35.38 17.59
N GLN A 273 6.94 34.95 16.39
CA GLN A 273 8.35 34.92 15.99
C GLN A 273 8.69 35.94 14.92
N HIS A 274 7.75 36.76 14.48
CA HIS A 274 7.92 37.65 13.34
C HIS A 274 7.78 39.10 13.74
N GLY A 275 7.95 39.41 15.01
CA GLY A 275 7.98 40.78 15.46
C GLY A 275 6.67 41.34 15.97
N ILE A 276 5.57 40.62 15.85
CA ILE A 276 4.36 41.07 16.54
C ILE A 276 3.83 39.90 17.36
N PRO A 277 3.23 40.15 18.51
CA PRO A 277 2.79 39.03 19.35
C PRO A 277 1.62 38.28 18.72
N ALA A 278 1.57 36.99 19.01
CA ALA A 278 0.39 36.20 18.68
C ALA A 278 -0.52 36.28 19.89
N VAL A 279 -1.55 37.12 19.81
CA VAL A 279 -2.47 37.28 20.95
C VAL A 279 -3.47 36.13 20.94
N GLY A 280 -3.63 35.48 22.10
CA GLY A 280 -4.61 34.44 22.26
C GLY A 280 -5.47 34.69 23.50
N TRP A 281 -6.65 34.09 23.47
CA TRP A 281 -7.64 34.22 24.54
C TRP A 281 -7.88 32.83 25.11
N LEU A 282 -7.73 32.70 26.42
CA LEU A 282 -7.91 31.40 27.06
C LEU A 282 -9.35 30.90 26.88
N VAL A 283 -9.52 29.73 26.27
CA VAL A 283 -10.85 29.19 25.99
C VAL A 283 -11.57 28.83 27.27
N GLY A 284 -12.81 29.30 27.42
CA GLY A 284 -13.54 29.12 28.65
C GLY A 284 -12.96 29.87 29.85
N GLU A 285 -11.93 30.71 29.64
CA GLU A 285 -11.11 31.30 30.69
C GLU A 285 -10.80 30.29 31.80
N VAL A 286 -10.57 29.04 31.42
CA VAL A 286 -10.11 28.01 32.34
C VAL A 286 -8.92 27.31 31.70
N HIS A 287 -8.08 26.71 32.54
CA HIS A 287 -6.91 25.96 32.10
C HIS A 287 -7.29 24.49 32.03
N ASN A 288 -7.71 24.04 30.85
CA ASN A 288 -8.20 22.69 30.70
C ASN A 288 -7.98 22.20 29.26
N GLY A 289 -6.76 22.37 28.75
CA GLY A 289 -6.55 22.38 27.30
C GLY A 289 -6.76 21.03 26.65
N ILE A 290 -6.19 19.97 27.22
CA ILE A 290 -6.25 18.70 26.50
C ILE A 290 -7.67 18.16 26.49
N ALA A 291 -8.45 18.40 27.56
CA ALA A 291 -9.84 18.01 27.52
C ALA A 291 -10.61 18.81 26.47
N GLN A 292 -10.47 20.14 26.49
CA GLN A 292 -11.11 20.95 25.45
C GLN A 292 -10.71 20.51 24.04
N MET A 293 -9.41 20.32 23.81
CA MET A 293 -8.94 19.93 22.47
C MET A 293 -9.44 18.55 22.03
N PHE A 294 -9.69 17.64 22.98
CA PHE A 294 -10.14 16.33 22.52
C PHE A 294 -11.54 16.38 21.93
N ASP A 295 -12.36 17.42 22.21
CA ASP A 295 -13.58 17.56 21.43
C ASP A 295 -13.25 17.72 19.94
N VAL A 296 -12.18 18.45 19.63
CA VAL A 296 -11.73 18.62 18.25
C VAL A 296 -11.13 17.32 17.73
N ILE A 297 -10.28 16.65 18.53
CA ILE A 297 -9.57 15.46 18.08
C ILE A 297 -10.55 14.33 17.76
N GLU A 298 -11.61 14.19 18.56
CA GLU A 298 -12.59 13.13 18.30
C GLU A 298 -13.29 13.35 16.97
N GLN A 299 -13.61 14.61 16.67
CA GLN A 299 -14.23 14.92 15.37
C GLN A 299 -13.25 14.68 14.22
N ALA A 300 -11.96 15.03 14.41
CA ALA A 300 -10.95 14.75 13.38
C ALA A 300 -10.78 13.26 13.15
N ARG A 301 -10.84 12.45 14.22
CA ARG A 301 -10.69 11.00 14.06
C ARG A 301 -11.88 10.41 13.32
N MET A 302 -13.08 10.90 13.62
CA MET A 302 -14.24 10.42 12.87
C MET A 302 -14.11 10.78 11.39
N MET A 303 -13.63 11.99 11.11
CA MET A 303 -13.50 12.46 9.74
C MET A 303 -12.50 11.60 8.99
N VAL A 304 -11.35 11.37 9.60
CA VAL A 304 -10.27 10.63 8.91
C VAL A 304 -10.74 9.22 8.57
N GLY A 305 -11.42 8.57 9.51
CA GLY A 305 -11.97 7.26 9.23
C GLY A 305 -13.02 7.26 8.14
N THR A 306 -13.93 8.23 8.17
CA THR A 306 -14.93 8.31 7.10
C THR A 306 -14.27 8.62 5.77
N LYS A 307 -13.22 9.45 5.78
CA LYS A 307 -12.48 9.74 4.55
C LYS A 307 -11.89 8.46 3.94
N ALA A 308 -11.26 7.63 4.79
CA ALA A 308 -10.64 6.40 4.30
C ALA A 308 -11.68 5.49 3.67
N ILE A 309 -12.84 5.37 4.32
CA ILE A 309 -13.92 4.53 3.79
C ILE A 309 -14.49 5.13 2.51
N ALA A 310 -14.65 6.45 2.45
CA ALA A 310 -15.19 7.11 1.26
C ALA A 310 -14.30 6.85 0.05
N THR A 311 -12.99 6.86 0.28
CA THR A 311 -12.01 6.70 -0.80
C THR A 311 -11.94 5.25 -1.27
N LEU A 312 -11.93 4.29 -0.35
CA LEU A 312 -12.03 2.90 -0.80
C LEU A 312 -13.28 2.67 -1.64
N SER A 313 -14.40 3.31 -1.24
CA SER A 313 -15.66 3.02 -1.90
C SER A 313 -15.60 3.49 -3.35
N THR A 314 -15.11 4.72 -3.59
CA THR A 314 -15.02 5.16 -4.99
C THR A 314 -13.89 4.43 -5.74
N GLY A 315 -12.83 4.03 -5.05
CA GLY A 315 -11.83 3.17 -5.68
C GLY A 315 -12.43 1.85 -6.13
N TYR A 316 -13.23 1.24 -5.27
CA TYR A 316 -13.90 -0.01 -5.64
C TYR A 316 -14.81 0.20 -6.85
N LEU A 317 -15.63 1.26 -6.83
CA LEU A 317 -16.61 1.40 -7.90
C LEU A 317 -15.94 1.74 -9.23
N ASN A 318 -14.85 2.51 -9.19
CA ASN A 318 -14.03 2.68 -10.38
C ASN A 318 -13.47 1.35 -10.87
N ALA A 319 -12.90 0.54 -9.97
CA ALA A 319 -12.34 -0.75 -10.40
C ALA A 319 -13.43 -1.66 -10.98
N LEU A 320 -14.61 -1.67 -10.37
CA LEU A 320 -15.71 -2.51 -10.87
C LEU A 320 -16.16 -2.06 -12.26
N GLU A 321 -16.34 -0.75 -12.46
CA GLU A 321 -16.78 -0.28 -13.77
C GLU A 321 -15.76 -0.64 -14.85
N TYR A 322 -14.47 -0.52 -14.52
CA TYR A 322 -13.41 -0.90 -15.46
C TYR A 322 -13.46 -2.40 -15.78
N ALA A 323 -13.56 -3.23 -14.76
CA ALA A 323 -13.58 -4.68 -14.96
C ALA A 323 -14.75 -5.15 -15.81
N LYS A 324 -15.91 -4.52 -15.70
CA LYS A 324 -17.08 -4.93 -16.49
C LYS A 324 -16.86 -4.72 -17.98
N GLU A 325 -15.96 -3.82 -18.35
CA GLU A 325 -15.72 -3.46 -19.74
C GLU A 325 -14.48 -4.09 -20.33
N ARG A 326 -13.51 -4.45 -19.50
CA ARG A 326 -12.20 -4.88 -20.01
C ARG A 326 -12.27 -6.33 -20.48
N VAL A 327 -12.05 -6.55 -21.78
CA VAL A 327 -11.96 -7.90 -22.32
C VAL A 327 -10.52 -8.39 -22.24
N GLN A 328 -10.32 -9.55 -21.64
CA GLN A 328 -8.97 -10.12 -21.60
C GLN A 328 -9.00 -11.59 -21.20
N GLY A 329 -8.49 -12.46 -22.07
CA GLY A 329 -8.39 -13.88 -21.78
C GLY A 329 -9.69 -14.61 -22.10
N ALA A 330 -9.60 -15.94 -22.08
CA ALA A 330 -10.78 -16.80 -22.18
C ALA A 330 -11.26 -17.18 -20.79
N ASP A 331 -12.49 -17.69 -20.74
CA ASP A 331 -12.99 -18.27 -19.50
C ASP A 331 -12.09 -19.40 -19.01
N MET A 332 -11.94 -19.48 -17.69
CA MET A 332 -11.05 -20.48 -17.14
C MET A 332 -11.49 -21.89 -17.53
N THR A 333 -12.79 -22.12 -17.72
CA THR A 333 -13.27 -23.43 -18.15
C THR A 333 -12.86 -23.77 -19.58
N GLN A 334 -12.29 -22.82 -20.31
CA GLN A 334 -11.86 -23.03 -21.68
C GLN A 334 -10.40 -22.66 -21.87
N MET A 335 -9.62 -22.65 -20.78
CA MET A 335 -8.30 -22.03 -20.82
C MET A 335 -7.32 -22.77 -21.73
N THR A 336 -7.56 -24.05 -22.01
CA THR A 336 -6.67 -24.79 -22.91
C THR A 336 -7.05 -24.64 -24.37
N ASP A 337 -8.21 -24.05 -24.65
CA ASP A 337 -8.68 -23.84 -26.02
C ASP A 337 -8.23 -22.45 -26.47
N LYS A 338 -7.19 -22.40 -27.31
CA LYS A 338 -6.64 -21.10 -27.68
C LYS A 338 -7.51 -20.32 -28.68
N THR A 339 -8.63 -20.89 -29.14
CA THR A 339 -9.63 -20.20 -29.96
C THR A 339 -10.93 -19.91 -29.20
N ALA A 340 -10.97 -20.14 -27.89
CA ALA A 340 -12.16 -19.87 -27.09
C ALA A 340 -12.52 -18.38 -27.13
N PRO A 341 -13.80 -18.02 -26.91
CA PRO A 341 -14.17 -16.60 -26.96
C PRO A 341 -13.45 -15.84 -25.84
N ARG A 342 -13.04 -14.61 -26.13
CA ARG A 342 -12.52 -13.76 -25.07
C ARG A 342 -13.65 -13.28 -24.17
N VAL A 343 -13.36 -13.10 -22.88
CA VAL A 343 -14.38 -12.66 -21.92
C VAL A 343 -13.96 -11.40 -21.19
N THR A 344 -14.95 -10.70 -20.63
CA THR A 344 -14.62 -9.58 -19.75
C THR A 344 -14.03 -10.11 -18.44
N ILE A 345 -13.20 -9.30 -17.78
CA ILE A 345 -12.40 -9.88 -16.70
C ILE A 345 -13.18 -10.16 -15.43
N THR A 346 -14.39 -9.63 -15.29
CA THR A 346 -15.23 -10.09 -14.19
C THR A 346 -15.54 -11.58 -14.28
N HIS A 347 -15.27 -12.23 -15.42
CA HIS A 347 -15.43 -13.69 -15.48
C HIS A 347 -14.29 -14.44 -14.80
N HIS A 348 -13.16 -13.75 -14.48
CA HIS A 348 -12.03 -14.52 -13.94
C HIS A 348 -12.15 -14.66 -12.43
N PRO A 349 -11.90 -15.85 -11.89
CA PRO A 349 -12.01 -16.03 -10.43
C PRO A 349 -11.16 -15.09 -9.63
N ASP A 350 -9.91 -14.80 -10.01
CA ASP A 350 -9.15 -13.91 -9.12
C ASP A 350 -9.73 -12.50 -9.13
N VAL A 351 -10.31 -12.06 -10.26
CA VAL A 351 -10.90 -10.73 -10.33
C VAL A 351 -12.17 -10.65 -9.50
N ARG A 352 -13.01 -11.71 -9.55
CA ARG A 352 -14.19 -11.71 -8.69
C ARG A 352 -13.80 -11.75 -7.22
N ARG A 353 -12.79 -12.58 -6.89
CA ARG A 353 -12.26 -12.54 -5.53
C ARG A 353 -11.83 -11.11 -5.14
N SER A 354 -11.05 -10.47 -6.01
CA SER A 354 -10.58 -9.13 -5.70
C SER A 354 -11.74 -8.15 -5.50
N LEU A 355 -12.69 -8.16 -6.44
CA LEU A 355 -13.85 -7.26 -6.37
C LEU A 355 -14.71 -7.54 -5.14
N MET A 356 -14.94 -8.82 -4.82
CA MET A 356 -15.76 -9.08 -3.64
C MET A 356 -15.02 -8.70 -2.35
N THR A 357 -13.69 -8.80 -2.35
CA THR A 357 -12.91 -8.33 -1.21
C THR A 357 -13.04 -6.83 -1.07
N GLN A 358 -12.92 -6.10 -2.18
CA GLN A 358 -13.11 -4.65 -2.15
C GLN A 358 -14.51 -4.30 -1.68
N LYS A 359 -15.52 -4.95 -2.26
CA LYS A 359 -16.92 -4.64 -1.94
C LYS A 359 -17.23 -4.89 -0.47
N ALA A 360 -16.83 -6.07 0.04
CA ALA A 360 -17.16 -6.45 1.41
C ALA A 360 -16.51 -5.52 2.40
N TYR A 361 -15.25 -5.15 2.15
CA TYR A 361 -14.62 -4.22 3.08
C TYR A 361 -15.18 -2.81 2.94
N ALA A 362 -15.48 -2.35 1.72
CA ALA A 362 -16.02 -0.99 1.61
C ALA A 362 -17.37 -0.90 2.31
N GLU A 363 -18.23 -1.88 2.08
CA GLU A 363 -19.57 -1.80 2.66
C GLU A 363 -19.56 -2.15 4.14
N GLY A 364 -18.70 -3.09 4.57
CA GLY A 364 -18.52 -3.31 5.99
C GLY A 364 -18.06 -2.07 6.72
N LEU A 365 -17.14 -1.32 6.12
CA LEU A 365 -16.63 -0.10 6.74
C LEU A 365 -17.68 1.01 6.76
N ARG A 366 -18.50 1.11 5.72
CA ARG A 366 -19.58 2.10 5.75
C ARG A 366 -20.58 1.78 6.87
N ALA A 367 -20.97 0.51 6.98
CA ALA A 367 -21.85 0.12 8.07
C ALA A 367 -21.22 0.45 9.43
N ILE A 368 -19.91 0.20 9.60
CA ILE A 368 -19.25 0.52 10.88
C ILE A 368 -19.35 2.00 11.21
N TYR A 369 -19.02 2.89 10.25
CA TYR A 369 -19.02 4.30 10.66
C TYR A 369 -20.43 4.80 10.89
N LEU A 370 -21.41 4.31 10.12
CA LEU A 370 -22.80 4.71 10.35
C LEU A 370 -23.33 4.12 11.66
N TYR A 371 -23.04 2.84 11.93
CA TYR A 371 -23.33 2.27 13.26
C TYR A 371 -22.72 3.12 14.38
N THR A 372 -21.41 3.44 14.27
CA THR A 372 -20.77 4.30 15.26
C THR A 372 -21.53 5.60 15.44
N ALA A 373 -21.94 6.22 14.33
CA ALA A 373 -22.62 7.51 14.40
C ALA A 373 -24.00 7.42 15.05
N THR A 374 -24.62 6.24 15.08
CA THR A 374 -25.89 6.11 15.78
C THR A 374 -25.73 6.19 17.29
N PHE A 375 -24.51 6.09 17.83
CA PHE A 375 -24.29 6.31 19.25
C PHE A 375 -23.87 7.73 19.57
N GLN A 376 -23.83 8.61 18.58
CA GLN A 376 -23.33 9.97 18.79
C GLN A 376 -24.43 10.95 19.15
N ASP A 377 -25.70 10.55 19.04
CA ASP A 377 -26.85 11.31 19.52
C ASP A 377 -27.58 10.47 20.55
N ALA A 378 -27.79 11.03 21.75
CA ALA A 378 -28.51 10.29 22.77
C ALA A 378 -29.88 9.86 22.27
N GLU A 379 -30.58 10.76 21.58
CA GLU A 379 -31.92 10.46 21.06
C GLU A 379 -31.91 9.29 20.09
N VAL A 380 -30.94 9.28 19.16
CA VAL A 380 -30.90 8.23 18.16
C VAL A 380 -30.58 6.89 18.81
N ALA A 381 -29.59 6.89 19.71
CA ALA A 381 -29.17 5.65 20.37
C ALA A 381 -30.32 5.05 21.18
N GLN A 382 -31.08 5.90 21.88
CA GLN A 382 -32.25 5.42 22.62
C GLN A 382 -33.28 4.84 21.66
N ALA A 383 -33.65 5.61 20.62
CA ALA A 383 -34.65 5.19 19.65
C ALA A 383 -34.27 3.91 18.93
N VAL A 384 -33.03 3.79 18.45
CA VAL A 384 -32.73 2.67 17.56
C VAL A 384 -32.06 1.49 18.26
N HIS A 385 -31.44 1.70 19.43
CA HIS A 385 -30.73 0.66 20.17
C HIS A 385 -31.30 0.40 21.57
N GLY A 386 -32.06 1.32 22.12
CA GLY A 386 -32.52 1.14 23.49
C GLY A 386 -31.47 1.40 24.54
N VAL A 387 -30.39 2.11 24.20
CA VAL A 387 -29.31 2.36 25.15
C VAL A 387 -29.41 3.80 25.61
N ASP A 388 -29.11 4.02 26.90
CA ASP A 388 -29.19 5.34 27.50
C ASP A 388 -27.95 6.18 27.14
N GLY A 389 -27.94 7.42 27.63
CA GLY A 389 -26.91 8.37 27.21
C GLY A 389 -25.51 7.97 27.64
N ASP A 390 -25.36 7.49 28.87
CA ASP A 390 -24.03 7.15 29.37
C ASP A 390 -23.43 5.98 28.60
N LEU A 391 -24.22 4.92 28.38
CA LEU A 391 -23.72 3.79 27.61
C LEU A 391 -23.44 4.18 26.16
N ALA A 392 -24.32 4.97 25.55
CA ALA A 392 -24.12 5.41 24.17
C ALA A 392 -22.78 6.14 24.01
N ALA A 393 -22.42 6.97 24.99
CA ALA A 393 -21.18 7.74 24.87
C ALA A 393 -19.96 6.83 24.94
N ARG A 394 -20.04 5.81 25.79
CA ARG A 394 -18.93 4.87 25.95
C ARG A 394 -18.80 3.97 24.74
N VAL A 395 -19.93 3.57 24.15
CA VAL A 395 -19.88 2.75 22.94
C VAL A 395 -19.32 3.58 21.79
N ASN A 396 -19.77 4.82 21.66
CA ASN A 396 -19.17 5.68 20.64
C ASN A 396 -17.66 5.80 20.84
N ASP A 397 -17.23 6.02 22.08
CA ASP A 397 -15.80 6.16 22.39
C ASP A 397 -15.04 4.88 22.07
N LEU A 398 -15.67 3.72 22.31
CA LEU A 398 -15.06 2.45 21.94
C LEU A 398 -14.88 2.35 20.43
N LEU A 399 -15.88 2.79 19.67
CA LEU A 399 -15.90 2.56 18.21
C LEU A 399 -15.02 3.54 17.46
N LEU A 400 -14.78 4.72 18.01
CA LEU A 400 -14.02 5.73 17.26
C LEU A 400 -12.64 5.26 16.83
N PRO A 401 -11.83 4.61 17.69
CA PRO A 401 -10.55 4.13 17.19
C PRO A 401 -10.69 3.01 16.19
N ILE A 402 -11.86 2.35 16.13
CA ILE A 402 -12.10 1.39 15.04
C ILE A 402 -12.31 2.12 13.73
N VAL A 403 -13.26 3.05 13.70
CA VAL A 403 -13.49 3.86 12.50
C VAL A 403 -12.16 4.44 12.00
N LYS A 404 -11.38 5.02 12.92
CA LYS A 404 -10.16 5.71 12.52
C LYS A 404 -9.04 4.72 12.22
N GLY A 405 -8.67 3.90 13.21
CA GLY A 405 -7.53 3.01 13.02
C GLY A 405 -7.76 1.85 12.05
N PHE A 406 -8.78 1.04 12.29
CA PHE A 406 -9.13 -0.04 11.36
C PHE A 406 -9.58 0.50 10.00
N GLY A 407 -10.35 1.59 9.99
CA GLY A 407 -10.73 2.19 8.71
C GLY A 407 -9.55 2.63 7.86
N SER A 408 -8.64 3.41 8.46
CA SER A 408 -7.50 3.95 7.70
C SER A 408 -6.59 2.85 7.19
N GLU A 409 -6.30 1.83 8.03
CA GLU A 409 -5.43 0.73 7.61
C GLU A 409 -6.08 -0.13 6.52
N THR A 410 -7.36 -0.42 6.68
CA THR A 410 -8.06 -1.31 5.77
C THR A 410 -8.22 -0.68 4.39
N ALA A 411 -8.61 0.60 4.34
CA ALA A 411 -8.90 1.24 3.06
C ALA A 411 -7.67 1.32 2.16
N TYR A 412 -6.57 1.81 2.73
CA TYR A 412 -5.31 1.85 2.00
C TYR A 412 -4.92 0.46 1.50
N ALA A 413 -4.97 -0.56 2.38
CA ALA A 413 -4.60 -1.94 1.96
C ALA A 413 -5.49 -2.46 0.83
N LYS A 414 -6.80 -2.26 0.93
CA LYS A 414 -7.70 -2.78 -0.11
C LYS A 414 -7.72 -1.97 -1.41
N LEU A 415 -7.39 -0.67 -1.38
CA LEU A 415 -7.16 0.05 -2.65
C LEU A 415 -6.12 -0.64 -3.52
N THR A 416 -5.20 -1.41 -2.91
CA THR A 416 -4.22 -2.18 -3.69
C THR A 416 -4.91 -3.14 -4.66
N GLU A 417 -5.97 -3.82 -4.18
CA GLU A 417 -6.83 -4.64 -5.03
C GLU A 417 -7.53 -3.80 -6.10
N SER A 418 -8.06 -2.64 -5.72
CA SER A 418 -8.69 -1.75 -6.72
C SER A 418 -7.73 -1.42 -7.85
N LEU A 419 -6.50 -1.03 -7.52
CA LEU A 419 -5.57 -0.68 -8.59
C LEU A 419 -5.21 -1.92 -9.42
N GLN A 420 -4.96 -3.04 -8.76
CA GLN A 420 -4.59 -4.29 -9.43
C GLN A 420 -5.64 -4.68 -10.48
N THR A 421 -6.90 -4.36 -10.23
CA THR A 421 -8.00 -4.76 -11.12
C THR A 421 -7.88 -4.08 -12.47
N LEU A 422 -7.26 -2.91 -12.50
CA LEU A 422 -7.05 -2.25 -13.76
C LEU A 422 -5.83 -2.79 -14.52
N GLY A 423 -5.06 -3.73 -13.95
CA GLY A 423 -3.89 -4.10 -14.71
C GLY A 423 -2.88 -2.96 -14.80
N GLY A 424 -2.05 -2.98 -15.86
CA GLY A 424 -1.06 -1.94 -16.05
C GLY A 424 -1.65 -0.55 -16.04
N SER A 425 -2.88 -0.39 -16.53
CA SER A 425 -3.51 0.93 -16.51
C SER A 425 -3.74 1.47 -15.09
N GLY A 426 -3.80 0.60 -14.07
CA GLY A 426 -3.93 1.17 -12.70
C GLY A 426 -2.75 1.97 -12.23
N PHE A 427 -1.57 1.74 -12.81
CA PHE A 427 -0.37 2.50 -12.51
C PHE A 427 -0.34 3.88 -13.17
N LEU A 428 -1.33 4.23 -13.99
CA LEU A 428 -1.32 5.48 -14.73
C LEU A 428 -2.05 6.55 -13.95
N GLN A 429 -1.55 7.79 -14.06
CA GLN A 429 -2.32 8.90 -13.51
C GLN A 429 -3.63 9.16 -14.26
N ASP A 430 -3.79 8.59 -15.47
CA ASP A 430 -5.05 8.73 -16.22
C ASP A 430 -6.24 8.23 -15.42
N TYR A 431 -6.04 7.29 -14.52
CA TYR A 431 -7.11 6.76 -13.70
C TYR A 431 -6.91 7.25 -12.27
N PRO A 432 -7.98 7.37 -11.48
CA PRO A 432 -7.83 8.04 -10.19
C PRO A 432 -7.29 7.17 -9.08
N ILE A 433 -7.09 5.87 -9.30
CA ILE A 433 -6.82 5.00 -8.17
C ILE A 433 -5.44 5.28 -7.57
N GLU A 434 -4.44 5.61 -8.38
CA GLU A 434 -3.13 5.84 -7.76
C GLU A 434 -3.14 7.11 -6.89
N GLN A 435 -3.93 8.11 -7.26
CA GLN A 435 -4.07 9.26 -6.37
C GLN A 435 -4.86 8.90 -5.10
N TYR A 436 -5.86 8.01 -5.21
CA TYR A 436 -6.58 7.53 -4.03
C TYR A 436 -5.61 6.95 -3.01
N ILE A 437 -4.68 6.14 -3.48
CA ILE A 437 -3.73 5.47 -2.61
C ILE A 437 -2.83 6.50 -1.94
N ARG A 438 -2.31 7.44 -2.74
CA ARG A 438 -1.41 8.44 -2.17
C ARG A 438 -2.13 9.34 -1.19
N ASP A 439 -3.35 9.77 -1.54
CA ASP A 439 -4.15 10.61 -0.65
C ASP A 439 -4.55 9.85 0.63
N SER A 440 -4.71 8.50 0.53
CA SER A 440 -5.15 7.69 1.67
C SER A 440 -4.03 7.36 2.67
N LYS A 441 -2.79 7.38 2.22
CA LYS A 441 -1.68 6.96 3.12
C LYS A 441 -1.66 7.81 4.40
N ILE A 442 -2.06 9.06 4.29
CA ILE A 442 -2.00 9.92 5.47
C ILE A 442 -2.97 9.49 6.58
N ASP A 443 -4.01 8.72 6.22
CA ASP A 443 -5.07 8.40 7.18
C ASP A 443 -4.58 7.60 8.38
N SER A 444 -3.48 6.86 8.22
CA SER A 444 -2.94 6.09 9.34
C SER A 444 -2.00 6.92 10.22
N LEU A 445 -1.82 8.18 9.92
CA LEU A 445 -0.85 9.03 10.61
C LEU A 445 -1.49 10.22 11.31
N TYR A 446 -2.21 11.08 10.59
CA TYR A 446 -2.65 12.23 11.37
C TYR A 446 -3.87 11.90 12.22
N ALA A 447 -4.20 12.82 13.12
CA ALA A 447 -5.21 12.57 14.16
C ALA A 447 -4.83 11.35 15.01
N GLY A 448 -3.53 11.04 15.06
CA GLY A 448 -3.02 9.94 15.87
C GLY A 448 -2.68 8.69 15.08
N THR A 449 -1.43 8.17 15.17
CA THR A 449 -1.05 6.98 14.39
C THR A 449 -1.88 5.77 14.78
N THR A 450 -1.77 4.71 13.95
CA THR A 450 -2.52 3.49 14.23
C THR A 450 -2.15 2.94 15.59
N ALA A 451 -0.85 2.98 15.96
CA ALA A 451 -0.45 2.44 17.26
C ALA A 451 -1.10 3.24 18.39
N ILE A 452 -1.25 4.55 18.20
CA ILE A 452 -1.88 5.34 19.23
C ILE A 452 -3.38 5.07 19.29
N GLN A 453 -4.01 4.81 18.12
CA GLN A 453 -5.40 4.38 18.13
C GLN A 453 -5.56 3.09 18.93
N ALA A 454 -4.68 2.10 18.68
CA ALA A 454 -4.82 0.78 19.27
C ALA A 454 -4.59 0.83 20.78
N GLN A 455 -3.65 1.66 21.19
CA GLN A 455 -3.38 1.86 22.60
C GLN A 455 -4.57 2.53 23.29
N ASP A 456 -5.13 3.56 22.66
CA ASP A 456 -6.30 4.23 23.22
C ASP A 456 -7.45 3.23 23.36
N PHE A 457 -7.64 2.42 22.33
CA PHE A 457 -8.72 1.46 22.31
C PHE A 457 -8.62 0.49 23.46
N PHE A 458 -7.45 -0.10 23.66
CA PHE A 458 -7.32 -1.10 24.73
C PHE A 458 -7.25 -0.45 26.12
N PHE A 459 -6.36 0.52 26.31
CA PHE A 459 -6.13 1.01 27.67
C PHE A 459 -7.28 1.89 28.15
N ARG A 460 -7.77 2.76 27.29
CA ARG A 460 -8.78 3.73 27.68
C ARG A 460 -10.20 3.28 27.37
N LYS A 461 -10.45 2.71 26.19
CA LYS A 461 -11.82 2.42 25.80
C LYS A 461 -12.30 1.04 26.26
N ILE A 462 -11.39 0.22 26.79
CA ILE A 462 -11.76 -1.08 27.31
C ILE A 462 -11.33 -1.20 28.77
N ILE A 463 -10.03 -1.11 29.07
CA ILE A 463 -9.60 -1.37 30.44
C ILE A 463 -10.16 -0.31 31.38
N ARG A 464 -9.89 0.97 31.08
CA ARG A 464 -10.40 2.05 31.93
C ARG A 464 -11.92 2.06 31.96
N ASP A 465 -12.57 1.67 30.85
CA ASP A 465 -14.02 1.56 30.73
C ASP A 465 -14.60 0.39 31.51
N LYS A 466 -13.74 -0.44 32.10
CA LYS A 466 -14.11 -1.72 32.72
C LYS A 466 -14.94 -2.60 31.78
N GLY A 467 -14.66 -2.52 30.48
CA GLY A 467 -15.26 -3.44 29.52
C GLY A 467 -16.74 -3.24 29.28
N GLN A 468 -17.33 -2.14 29.74
CA GLN A 468 -18.78 -1.99 29.64
C GLN A 468 -19.24 -1.80 28.20
N ALA A 469 -18.57 -0.92 27.46
CA ALA A 469 -18.91 -0.73 26.05
C ALA A 469 -18.65 -2.00 25.26
N LEU A 470 -17.50 -2.63 25.47
CA LEU A 470 -17.19 -3.85 24.73
C LEU A 470 -18.19 -4.95 25.04
N ALA A 471 -18.56 -5.10 26.32
CA ALA A 471 -19.52 -6.14 26.68
C ALA A 471 -20.86 -5.91 26.00
N TYR A 472 -21.28 -4.63 25.92
CA TYR A 472 -22.53 -4.31 25.24
C TYR A 472 -22.47 -4.76 23.77
N VAL A 473 -21.38 -4.43 23.07
CA VAL A 473 -21.29 -4.80 21.66
C VAL A 473 -21.26 -6.31 21.50
N ALA A 474 -20.45 -6.99 22.33
CA ALA A 474 -20.35 -8.44 22.24
C ALA A 474 -21.69 -9.11 22.49
N GLY A 475 -22.49 -8.53 23.38
CA GLY A 475 -23.82 -9.05 23.64
C GLY A 475 -24.75 -8.92 22.44
N GLU A 476 -24.62 -7.83 21.67
CA GLU A 476 -25.45 -7.70 20.45
C GLU A 476 -25.02 -8.70 19.39
N ILE A 477 -23.71 -8.96 19.29
CA ILE A 477 -23.25 -9.98 18.35
C ILE A 477 -23.77 -11.35 18.79
N GLU A 478 -23.68 -11.64 20.08
CA GLU A 478 -24.16 -12.92 20.58
C GLU A 478 -25.64 -13.07 20.29
N GLN A 479 -26.42 -12.00 20.47
CA GLN A 479 -27.84 -12.11 20.17
C GLN A 479 -28.10 -12.43 18.70
N PHE A 480 -27.36 -11.79 17.79
CA PHE A 480 -27.50 -12.13 16.38
C PHE A 480 -27.15 -13.60 16.13
N ILE A 481 -26.04 -14.07 16.72
CA ILE A 481 -25.63 -15.46 16.51
C ILE A 481 -26.74 -16.42 16.96
N LYS A 482 -27.32 -16.17 18.13
CA LYS A 482 -28.30 -17.08 18.72
C LYS A 482 -29.60 -17.13 17.91
N ASN A 483 -30.01 -16.00 17.31
CA ASN A 483 -31.23 -15.94 16.50
C ASN A 483 -32.46 -16.39 17.28
N GLY A 488 -31.65 -19.98 9.13
CA GLY A 488 -31.14 -21.14 8.40
C GLY A 488 -30.25 -20.83 7.19
N ARG A 489 -30.69 -19.89 6.36
CA ARG A 489 -29.84 -19.45 5.26
C ARG A 489 -28.57 -18.75 5.75
N LEU A 490 -28.52 -18.28 7.02
CA LEU A 490 -27.28 -17.71 7.56
C LEU A 490 -26.70 -18.55 8.70
N LYS A 491 -27.02 -19.84 8.75
CA LYS A 491 -26.47 -20.67 9.82
C LYS A 491 -24.94 -20.74 9.74
N THR A 492 -24.39 -20.95 8.55
CA THR A 492 -22.95 -21.03 8.41
C THR A 492 -22.28 -19.71 8.79
N GLU A 493 -22.81 -18.58 8.35
CA GLU A 493 -22.29 -17.28 8.75
C GLU A 493 -22.33 -17.08 10.26
N ARG A 494 -23.45 -17.44 10.92
CA ARG A 494 -23.54 -17.30 12.37
C ARG A 494 -22.56 -18.19 13.11
N GLU A 495 -22.27 -19.37 12.56
CA GLU A 495 -21.25 -20.25 13.15
C GLU A 495 -19.86 -19.62 13.04
N LEU A 496 -19.53 -19.09 11.86
CA LEU A 496 -18.24 -18.41 11.69
C LEU A 496 -18.17 -17.15 12.54
N LEU A 497 -19.29 -16.45 12.67
CA LEU A 497 -19.28 -15.28 13.53
C LEU A 497 -19.07 -15.67 14.99
N ALA A 498 -19.57 -16.83 15.41
CA ALA A 498 -19.39 -17.25 16.79
C ALA A 498 -17.93 -17.59 17.06
N THR A 499 -17.27 -18.21 16.08
CA THR A 499 -15.85 -18.48 16.23
C THR A 499 -15.05 -17.18 16.31
N ALA A 500 -15.42 -16.18 15.49
CA ALA A 500 -14.69 -14.94 15.48
C ALA A 500 -14.90 -14.15 16.77
N LEU A 501 -16.12 -14.15 17.31
CA LEU A 501 -16.38 -13.47 18.58
C LEU A 501 -15.55 -14.10 19.69
N ALA A 502 -15.55 -15.43 19.78
CA ALA A 502 -14.73 -16.12 20.80
C ALA A 502 -13.24 -15.81 20.61
N ASP A 503 -12.77 -15.76 19.36
CA ASP A 503 -11.38 -15.37 19.12
C ASP A 503 -11.06 -13.98 19.67
N VAL A 504 -11.91 -12.98 19.37
CA VAL A 504 -11.70 -11.64 19.90
C VAL A 504 -11.77 -11.65 21.42
N GLN A 505 -12.67 -12.46 21.97
CA GLN A 505 -12.75 -12.52 23.43
C GLN A 505 -11.48 -13.14 24.01
N GLY A 506 -10.93 -14.18 23.35
CA GLY A 506 -9.67 -14.74 23.81
C GLY A 506 -8.52 -13.76 23.74
N MET A 507 -8.45 -12.99 22.65
CA MET A 507 -7.40 -11.96 22.53
C MET A 507 -7.50 -10.96 23.67
N ALA A 508 -8.72 -10.47 23.94
CA ALA A 508 -8.89 -9.47 24.99
C ALA A 508 -8.46 -10.03 26.34
N ALA A 509 -8.77 -11.29 26.60
CA ALA A 509 -8.38 -11.94 27.84
C ALA A 509 -6.86 -12.09 27.96
N SER A 510 -6.18 -12.57 26.90
CA SER A 510 -4.72 -12.69 26.93
C SER A 510 -4.06 -11.35 27.21
N LEU A 511 -4.46 -10.35 26.44
CA LEU A 511 -3.90 -9.00 26.61
C LEU A 511 -4.20 -8.46 28.02
N THR A 512 -5.41 -8.68 28.54
CA THR A 512 -5.70 -8.26 29.91
C THR A 512 -4.82 -9.00 30.90
N GLY A 513 -4.58 -10.29 30.66
CA GLY A 513 -3.63 -11.03 31.48
C GLY A 513 -2.23 -10.42 31.46
N TYR A 514 -1.73 -10.07 30.27
CA TYR A 514 -0.41 -9.45 30.20
C TYR A 514 -0.37 -8.13 30.93
N LEU A 515 -1.44 -7.34 30.85
CA LEU A 515 -1.45 -6.06 31.55
C LEU A 515 -1.49 -6.25 33.07
N MET A 516 -2.35 -7.16 33.55
CA MET A 516 -2.49 -7.29 35.00
C MET A 516 -1.23 -7.88 35.60
N ALA A 517 -0.56 -8.75 34.86
CA ALA A 517 0.69 -9.32 35.33
C ALA A 517 1.82 -8.30 35.36
N ALA A 518 1.63 -7.13 34.73
CA ALA A 518 2.69 -6.13 34.75
C ALA A 518 2.88 -5.52 36.14
N GLN A 519 1.88 -5.63 37.02
CA GLN A 519 2.02 -5.05 38.36
C GLN A 519 3.24 -5.65 39.07
N GLU A 520 3.46 -6.95 38.89
CA GLU A 520 4.60 -7.63 39.49
C GLU A 520 5.75 -7.90 38.53
N ASP A 521 5.52 -7.79 37.23
CA ASP A 521 6.58 -8.04 36.26
C ASP A 521 6.43 -6.95 35.18
N ALA A 522 7.14 -5.84 35.38
CA ALA A 522 6.89 -4.61 34.60
C ALA A 522 6.92 -4.85 33.09
N ALA A 523 7.91 -5.59 32.60
CA ALA A 523 8.07 -5.84 31.17
C ALA A 523 6.91 -6.62 30.57
N SER A 524 6.06 -7.24 31.41
CA SER A 524 4.91 -7.92 30.86
C SER A 524 4.08 -6.97 30.03
N ILE A 525 4.15 -5.67 30.35
CA ILE A 525 3.28 -4.73 29.62
C ILE A 525 3.67 -4.65 28.15
N TYR A 526 4.91 -5.00 27.79
CA TYR A 526 5.30 -4.85 26.40
C TYR A 526 4.44 -5.74 25.50
N LYS A 527 4.05 -6.93 26.00
CA LYS A 527 3.25 -7.85 25.19
C LYS A 527 1.91 -7.24 24.84
N VAL A 528 1.37 -6.40 25.73
CA VAL A 528 0.17 -5.63 25.36
C VAL A 528 0.47 -4.76 24.15
N GLY A 529 1.62 -4.07 24.17
CA GLY A 529 1.92 -3.20 23.04
C GLY A 529 2.16 -4.00 21.79
N LEU A 530 2.81 -5.17 21.91
CA LEU A 530 3.08 -6.01 20.75
C LEU A 530 1.79 -6.47 20.09
N GLY A 531 0.77 -6.84 20.90
CA GLY A 531 -0.48 -7.31 20.33
C GLY A 531 -1.55 -6.26 20.00
N SER A 532 -1.36 -4.98 20.39
CA SER A 532 -2.48 -4.05 20.41
C SER A 532 -3.06 -3.76 19.03
N VAL A 533 -2.21 -3.51 18.02
CA VAL A 533 -2.74 -3.17 16.70
C VAL A 533 -3.46 -4.38 16.11
N ARG A 534 -2.86 -5.57 16.20
CA ARG A 534 -3.53 -6.78 15.70
C ARG A 534 -4.89 -6.99 16.37
N PHE A 535 -4.98 -6.66 17.65
CA PHE A 535 -6.26 -6.76 18.35
C PHE A 535 -7.28 -5.76 17.80
N LEU A 536 -6.89 -4.48 17.65
CA LEU A 536 -7.78 -3.48 17.05
C LEU A 536 -8.30 -3.95 15.70
N MET A 537 -7.40 -4.49 14.86
CA MET A 537 -7.80 -4.92 13.53
C MET A 537 -8.77 -6.09 13.59
N ALA A 538 -8.54 -7.00 14.53
CA ALA A 538 -9.42 -8.16 14.70
C ALA A 538 -10.84 -7.72 15.06
N VAL A 539 -10.95 -6.75 15.99
CA VAL A 539 -12.26 -6.24 16.35
C VAL A 539 -12.95 -5.59 15.16
N GLY A 540 -12.19 -4.84 14.34
CA GLY A 540 -12.77 -4.30 13.12
C GLY A 540 -13.30 -5.37 12.20
N ASP A 541 -12.50 -6.42 11.95
CA ASP A 541 -12.98 -7.54 11.12
C ASP A 541 -14.21 -8.20 11.71
N LEU A 542 -14.23 -8.39 13.03
CA LEU A 542 -15.40 -8.99 13.65
C LEU A 542 -16.62 -8.10 13.43
N LEU A 543 -16.48 -6.80 13.64
CA LEU A 543 -17.61 -5.88 13.48
C LEU A 543 -18.09 -5.84 12.02
N SER A 544 -17.13 -5.82 11.08
CA SER A 544 -17.47 -5.87 9.66
C SER A 544 -18.28 -7.12 9.33
N GLY A 545 -17.81 -8.28 9.82
CA GLY A 545 -18.50 -9.52 9.56
C GLY A 545 -19.90 -9.54 10.16
N TRP A 546 -20.04 -8.99 11.37
CA TRP A 546 -21.36 -9.00 12.00
C TRP A 546 -22.34 -8.07 11.27
N LEU A 547 -21.90 -6.84 10.95
CA LEU A 547 -22.80 -5.89 10.30
C LEU A 547 -23.15 -6.35 8.89
N LEU A 548 -22.20 -6.93 8.17
CA LEU A 548 -22.56 -7.50 6.87
C LEU A 548 -23.59 -8.61 7.03
N ALA A 549 -23.42 -9.47 8.03
CA ALA A 549 -24.39 -10.54 8.24
C ALA A 549 -25.76 -9.97 8.59
N ARG A 550 -25.80 -8.93 9.44
CA ARG A 550 -27.06 -8.22 9.70
C ARG A 550 -27.65 -7.68 8.42
N GLN A 551 -26.83 -7.05 7.56
CA GLN A 551 -27.35 -6.57 6.28
C GLN A 551 -27.92 -7.72 5.46
N ALA A 552 -27.23 -8.86 5.44
CA ALA A 552 -27.72 -10.02 4.69
C ALA A 552 -29.04 -10.51 5.25
N ALA A 553 -29.22 -10.43 6.57
CA ALA A 553 -30.51 -10.83 7.15
C ALA A 553 -31.63 -9.91 6.68
N VAL A 554 -31.39 -8.59 6.64
CA VAL A 554 -32.35 -7.66 6.06
C VAL A 554 -32.60 -7.97 4.59
N ALA A 555 -31.54 -8.29 3.84
CA ALA A 555 -31.68 -8.53 2.40
C ALA A 555 -32.51 -9.78 2.13
N ILE A 556 -32.33 -10.82 2.95
CA ILE A 556 -33.14 -12.03 2.85
C ILE A 556 -34.61 -11.70 3.05
N GLU A 557 -34.93 -10.87 4.05
CA GLU A 557 -36.32 -10.47 4.30
C GLU A 557 -36.90 -9.69 3.13
N LYS A 558 -36.09 -8.82 2.51
CA LYS A 558 -36.59 -8.04 1.37
C LYS A 558 -36.74 -8.91 0.13
N LEU A 559 -35.84 -9.88 -0.06
CA LEU A 559 -36.00 -10.76 -1.22
C LEU A 559 -37.26 -11.61 -1.05
N ASP A 560 -37.44 -12.21 0.12
CA ASP A 560 -38.64 -12.99 0.43
C ASP A 560 -39.93 -12.18 0.22
N ALA A 561 -39.91 -10.88 0.51
CA ALA A 561 -41.07 -10.03 0.31
C ALA A 561 -41.31 -9.70 -1.16
N GLY A 562 -40.41 -10.10 -2.05
CA GLY A 562 -40.59 -9.94 -3.48
C GLY A 562 -39.84 -8.80 -4.14
N ALA A 563 -38.67 -8.41 -3.61
CA ALA A 563 -37.84 -7.41 -4.29
C ALA A 563 -37.53 -7.87 -5.71
N THR A 564 -37.43 -6.91 -6.64
CA THR A 564 -37.19 -7.21 -8.04
C THR A 564 -36.15 -6.21 -8.58
N GLY A 565 -35.68 -6.48 -9.80
CA GLY A 565 -34.89 -5.48 -10.50
C GLY A 565 -33.61 -5.12 -9.77
N ALA A 566 -33.27 -3.83 -9.83
CA ALA A 566 -32.04 -3.33 -9.21
C ALA A 566 -32.02 -3.57 -7.70
N ASP A 567 -33.20 -3.47 -7.05
CA ASP A 567 -33.29 -3.78 -5.63
C ASP A 567 -32.84 -5.21 -5.37
N LYS A 568 -33.37 -6.15 -6.15
CA LYS A 568 -33.05 -7.55 -5.99
C LYS A 568 -31.55 -7.79 -6.13
N SER A 569 -30.93 -7.20 -7.16
CA SER A 569 -29.48 -7.35 -7.35
C SER A 569 -28.71 -6.83 -6.14
N PHE A 570 -29.08 -5.63 -5.66
CA PHE A 570 -28.45 -5.06 -4.48
C PHE A 570 -28.53 -6.02 -3.31
N TYR A 571 -29.73 -6.55 -3.03
CA TYR A 571 -29.91 -7.44 -1.89
C TYR A 571 -29.13 -8.75 -2.07
N GLU A 572 -29.12 -9.32 -3.30
CA GLU A 572 -28.28 -10.50 -3.54
C GLU A 572 -26.81 -10.22 -3.27
N GLY A 573 -26.35 -9.03 -3.63
CA GLY A 573 -24.96 -8.67 -3.33
C GLY A 573 -24.63 -8.62 -1.85
N LYS A 574 -25.60 -8.21 -1.01
CA LYS A 574 -25.35 -8.18 0.43
C LYS A 574 -25.21 -9.59 1.00
N ILE A 575 -26.04 -10.52 0.53
CA ILE A 575 -25.93 -11.90 0.99
C ILE A 575 -24.59 -12.48 0.59
N ALA A 576 -24.18 -12.25 -0.68
CA ALA A 576 -22.90 -12.76 -1.17
C ALA A 576 -21.71 -12.17 -0.41
N ALA A 577 -21.74 -10.86 -0.13
CA ALA A 577 -20.64 -10.21 0.57
C ALA A 577 -20.50 -10.71 2.00
N ALA A 578 -21.64 -10.82 2.71
CA ALA A 578 -21.62 -11.34 4.08
C ALA A 578 -21.07 -12.76 4.11
N SER A 579 -21.47 -13.60 3.16
CA SER A 579 -21.00 -14.97 3.14
C SER A 579 -19.51 -15.04 2.77
N PHE A 580 -19.08 -14.26 1.77
CA PHE A 580 -17.66 -14.21 1.43
C PHE A 580 -16.80 -13.74 2.60
N PHE A 581 -17.24 -12.68 3.27
CA PHE A 581 -16.45 -12.13 4.37
C PHE A 581 -16.32 -13.14 5.50
N ALA A 582 -17.44 -13.76 5.88
CA ALA A 582 -17.37 -14.77 6.94
C ALA A 582 -16.47 -15.94 6.56
N LYS A 583 -16.48 -16.36 5.29
CA LYS A 583 -15.70 -17.56 4.95
C LYS A 583 -14.25 -17.26 4.62
N ASN A 584 -13.91 -16.03 4.22
CA ASN A 584 -12.56 -15.73 3.77
C ASN A 584 -11.78 -14.77 4.66
N MET A 585 -12.45 -13.90 5.43
CA MET A 585 -11.76 -12.98 6.33
C MET A 585 -11.82 -13.42 7.79
N LEU A 586 -13.00 -13.77 8.29
CA LEU A 586 -13.11 -14.07 9.73
C LEU A 586 -12.20 -15.19 10.23
N PRO A 587 -11.99 -16.31 9.51
CA PRO A 587 -11.22 -17.41 10.10
C PRO A 587 -9.79 -17.07 10.46
N LEU A 588 -9.18 -16.09 9.79
CA LEU A 588 -7.81 -15.67 10.11
C LEU A 588 -7.71 -15.20 11.55
N LEU A 589 -8.83 -14.76 12.14
CA LEU A 589 -8.80 -14.30 13.53
C LEU A 589 -8.42 -15.43 14.49
N THR A 590 -8.68 -16.68 14.11
CA THR A 590 -8.28 -17.79 15.00
C THR A 590 -6.76 -17.91 15.09
N SER A 591 -6.07 -17.83 13.95
CA SER A 591 -4.60 -17.84 14.00
C SER A 591 -4.06 -16.63 14.75
N THR A 592 -4.64 -15.46 14.54
CA THR A 592 -4.19 -14.25 15.23
C THR A 592 -4.40 -14.37 16.74
N ARG A 593 -5.49 -15.04 17.16
CA ARG A 593 -5.66 -15.22 18.61
C ARG A 593 -4.55 -16.09 19.16
N GLN A 594 -4.23 -17.18 18.46
CA GLN A 594 -3.17 -18.07 18.92
C GLN A 594 -1.82 -17.39 18.91
N ILE A 595 -1.57 -16.52 17.92
CA ILE A 595 -0.33 -15.73 17.94
C ILE A 595 -0.29 -14.83 19.17
N ILE A 596 -1.40 -14.16 19.47
CA ILE A 596 -1.42 -13.24 20.62
C ILE A 596 -1.27 -14.02 21.94
N GLU A 597 -1.85 -15.21 22.03
CA GLU A 597 -1.65 -16.04 23.23
C GLU A 597 -0.22 -16.51 23.42
N ASN A 598 0.65 -16.39 22.41
CA ASN A 598 2.03 -16.84 22.54
C ASN A 598 3.06 -15.73 22.38
N LEU A 599 2.64 -14.46 22.47
CA LEU A 599 3.58 -13.34 22.46
C LEU A 599 4.61 -13.45 23.57
N ASP A 600 5.86 -13.08 23.27
CA ASP A 600 6.92 -13.10 24.26
C ASP A 600 7.77 -11.84 24.10
N ASN A 601 8.72 -11.63 25.01
CA ASN A 601 9.50 -10.40 25.01
C ASN A 601 10.86 -10.53 24.30
N ASP A 602 11.11 -11.62 23.56
CA ASP A 602 12.38 -11.76 22.85
C ASP A 602 12.70 -10.53 22.00
N VAL A 603 11.72 -10.00 21.27
CA VAL A 603 11.98 -8.88 20.35
C VAL A 603 12.26 -7.61 21.13
N MET A 604 11.77 -7.53 22.38
CA MET A 604 12.02 -6.41 23.27
C MET A 604 13.39 -6.48 23.92
N GLU A 605 13.90 -7.68 24.18
CA GLU A 605 15.22 -7.90 24.81
C GLU A 605 16.37 -7.82 23.82
N LEU A 606 16.09 -7.94 22.52
CA LEU A 606 17.12 -7.91 21.51
C LEU A 606 17.86 -6.57 21.52
N ASP A 607 19.19 -6.62 21.43
CA ASP A 607 19.99 -5.40 21.36
C ASP A 607 19.55 -4.59 20.15
N GLU A 608 19.37 -3.28 20.33
CA GLU A 608 19.06 -2.43 19.19
C GLU A 608 20.05 -2.62 18.03
N ALA A 609 21.31 -2.93 18.32
CA ALA A 609 22.30 -3.05 17.26
C ALA A 609 22.07 -4.27 16.37
N ALA A 610 21.29 -5.25 16.82
CA ALA A 610 21.03 -6.42 15.99
C ALA A 610 19.95 -6.20 14.92
N PHE A 611 19.17 -5.13 14.98
CA PHE A 611 18.23 -4.88 13.86
C PHE A 611 19.02 -4.51 12.57
N SER B 2 21.13 10.95 -0.69
CA SER B 2 21.79 9.75 -0.17
C SER B 2 20.76 8.78 0.42
N HIS B 3 19.70 8.57 -0.34
CA HIS B 3 18.57 7.81 0.16
C HIS B 3 18.89 6.32 0.31
N TYR B 4 19.85 5.81 -0.45
CA TYR B 4 20.00 4.36 -0.61
C TYR B 4 20.88 3.81 0.51
N LYS B 5 20.35 2.86 1.28
CA LYS B 5 21.13 2.19 2.30
C LYS B 5 21.26 0.73 1.90
N SER B 6 22.51 0.29 1.70
CA SER B 6 22.79 -1.04 1.17
C SER B 6 23.04 -2.02 2.31
N ASN B 7 23.09 -3.28 1.96
CA ASN B 7 23.36 -4.33 2.92
C ASN B 7 24.27 -5.42 2.30
N VAL B 8 25.50 -5.05 1.98
CA VAL B 8 26.47 -6.04 1.51
C VAL B 8 26.67 -7.13 2.55
N ARG B 9 26.70 -6.76 3.83
CA ARG B 9 26.98 -7.77 4.86
C ARG B 9 26.00 -8.94 4.80
N ASP B 10 24.72 -8.64 4.61
CA ASP B 10 23.73 -9.71 4.50
C ASP B 10 23.88 -10.49 3.19
N GLN B 11 24.25 -9.83 2.09
CA GLN B 11 24.47 -10.56 0.84
C GLN B 11 25.61 -11.56 0.97
N VAL B 12 26.73 -11.11 1.56
CA VAL B 12 27.89 -11.99 1.74
C VAL B 12 27.56 -13.11 2.72
N PHE B 13 26.82 -12.79 3.78
CA PHE B 13 26.37 -13.84 4.68
C PHE B 13 25.63 -14.93 3.89
N ASN B 14 24.66 -14.54 3.06
CA ASN B 14 23.91 -15.54 2.25
C ASN B 14 24.84 -16.30 1.30
N LEU B 15 25.63 -15.55 0.54
CA LEU B 15 26.37 -16.16 -0.55
C LEU B 15 27.41 -17.13 -0.04
N PHE B 16 28.09 -16.77 1.05
CA PHE B 16 29.26 -17.52 1.48
C PHE B 16 29.02 -18.38 2.71
N GLU B 17 28.29 -17.85 3.68
CA GLU B 17 28.08 -18.59 4.93
C GLU B 17 26.87 -19.48 4.89
N VAL B 18 25.84 -19.14 4.12
CA VAL B 18 24.64 -19.96 4.07
C VAL B 18 24.69 -20.92 2.88
N PHE B 19 24.87 -20.40 1.67
CA PHE B 19 24.75 -21.22 0.46
C PHE B 19 26.08 -21.75 -0.06
N GLY B 20 27.19 -21.18 0.37
CA GLY B 20 28.49 -21.72 -0.05
C GLY B 20 28.76 -21.51 -1.53
N VAL B 21 28.33 -20.38 -2.08
CA VAL B 21 28.58 -20.10 -3.50
C VAL B 21 30.07 -19.94 -3.76
N ASP B 22 30.85 -19.62 -2.74
CA ASP B 22 32.29 -19.54 -2.93
C ASP B 22 32.92 -20.89 -3.25
N LYS B 23 32.22 -22.01 -3.00
CA LYS B 23 32.74 -23.32 -3.39
C LYS B 23 32.97 -23.42 -4.91
N VAL B 24 32.24 -22.68 -5.73
CA VAL B 24 32.52 -22.73 -7.17
C VAL B 24 33.48 -21.64 -7.63
N LEU B 25 33.77 -20.65 -6.78
CA LEU B 25 34.58 -19.51 -7.22
C LEU B 25 36.04 -19.94 -7.34
N GLY B 26 36.62 -19.76 -8.52
CA GLY B 26 37.94 -20.30 -8.81
C GLY B 26 37.96 -21.67 -9.45
N ALA B 27 36.81 -22.26 -9.78
CA ALA B 27 36.76 -23.55 -10.45
C ALA B 27 35.85 -23.50 -11.68
N ASP B 28 36.26 -24.23 -12.73
CA ASP B 28 35.44 -24.47 -13.91
C ASP B 28 35.12 -23.10 -14.54
N LYS B 29 33.85 -22.81 -14.85
CA LYS B 29 33.48 -21.57 -15.52
C LYS B 29 33.96 -20.32 -14.76
N PHE B 30 34.17 -20.42 -13.45
CA PHE B 30 34.58 -19.28 -12.64
C PHE B 30 36.03 -19.38 -12.20
N SER B 31 36.87 -19.98 -13.05
CA SER B 31 38.25 -20.24 -12.69
C SER B 31 39.02 -18.96 -12.36
N ASP B 32 38.65 -17.81 -12.96
CA ASP B 32 39.38 -16.56 -12.70
C ASP B 32 38.61 -15.55 -11.85
N LEU B 33 37.70 -16.00 -11.00
CA LEU B 33 37.03 -15.11 -10.06
C LEU B 33 37.10 -15.77 -8.69
N ASP B 34 37.85 -15.18 -7.75
CA ASP B 34 37.94 -15.75 -6.42
C ASP B 34 37.00 -15.03 -5.46
N ALA B 35 36.84 -15.59 -4.26
CA ALA B 35 35.90 -15.03 -3.29
C ALA B 35 36.29 -13.62 -2.86
N ASP B 36 37.59 -13.34 -2.75
CA ASP B 36 38.02 -11.99 -2.40
C ASP B 36 37.58 -10.99 -3.45
N THR B 37 37.76 -11.33 -4.72
CA THR B 37 37.32 -10.45 -5.80
C THR B 37 35.81 -10.26 -5.77
N ALA B 38 35.05 -11.34 -5.56
CA ALA B 38 33.59 -11.21 -5.50
C ALA B 38 33.18 -10.22 -4.45
N ARG B 39 33.81 -10.30 -3.26
CA ARG B 39 33.47 -9.40 -2.15
C ARG B 39 33.81 -7.95 -2.50
N GLU B 40 34.94 -7.73 -3.18
CA GLU B 40 35.34 -6.38 -3.61
C GLU B 40 34.34 -5.79 -4.60
N MET B 41 33.87 -6.61 -5.54
CA MET B 41 32.87 -6.12 -6.49
C MET B 41 31.60 -5.67 -5.77
N LEU B 42 31.13 -6.46 -4.80
CA LEU B 42 29.93 -6.09 -4.04
C LEU B 42 30.10 -4.74 -3.35
N THR B 43 31.22 -4.56 -2.64
CA THR B 43 31.52 -3.30 -2.00
C THR B 43 31.60 -2.17 -3.01
N GLU B 44 32.30 -2.42 -4.13
CA GLU B 44 32.43 -1.39 -5.16
C GLU B 44 31.07 -0.96 -5.71
N ILE B 45 30.22 -1.89 -6.14
CA ILE B 45 28.98 -1.41 -6.74
C ILE B 45 28.06 -0.83 -5.67
N ALA B 46 28.18 -1.32 -4.43
CA ALA B 46 27.34 -0.76 -3.38
C ALA B 46 27.72 0.69 -3.13
N ARG B 47 29.05 0.96 -3.14
CA ARG B 47 29.50 2.34 -2.98
C ARG B 47 29.03 3.21 -4.14
N LEU B 48 29.20 2.72 -5.37
CA LEU B 48 28.74 3.47 -6.53
C LEU B 48 27.25 3.69 -6.48
N ALA B 49 26.50 2.67 -6.05
CA ALA B 49 25.06 2.80 -5.94
C ALA B 49 24.69 3.87 -4.93
N GLU B 50 25.35 3.88 -3.76
CA GLU B 50 25.00 4.84 -2.71
C GLU B 50 25.38 6.27 -3.10
N GLY B 51 26.38 6.43 -3.96
CA GLY B 51 26.84 7.73 -4.40
C GLY B 51 26.18 8.14 -5.71
N PRO B 52 26.93 8.02 -6.80
CA PRO B 52 26.49 8.56 -8.11
C PRO B 52 25.16 8.02 -8.64
N ILE B 53 24.81 6.75 -8.40
CA ILE B 53 23.54 6.22 -8.94
C ILE B 53 22.34 6.78 -8.15
N ALA B 54 22.37 6.68 -6.81
CA ALA B 54 21.32 7.19 -5.94
C ALA B 54 21.19 8.70 -6.03
N GLU B 55 22.26 9.39 -6.42
CA GLU B 55 22.27 10.84 -6.49
C GLU B 55 21.11 11.43 -7.29
N SER B 56 20.64 10.75 -8.34
CA SER B 56 19.58 11.31 -9.18
C SER B 56 18.23 10.60 -8.95
N PHE B 57 18.10 9.86 -7.84
CA PHE B 57 16.87 9.11 -7.59
C PHE B 57 15.68 10.05 -7.47
N VAL B 58 15.84 11.11 -6.64
CA VAL B 58 14.80 12.13 -6.47
C VAL B 58 14.60 12.91 -7.77
N GLU B 59 15.71 13.34 -8.41
CA GLU B 59 15.61 14.15 -9.62
C GLU B 59 14.77 13.45 -10.69
N GLY B 60 14.97 12.16 -10.85
CA GLY B 60 14.27 11.43 -11.90
C GLY B 60 12.77 11.46 -11.71
N ASP B 61 12.32 11.50 -10.46
CA ASP B 61 10.88 11.51 -10.14
C ASP B 61 10.32 12.93 -10.17
N ARG B 62 11.10 13.92 -9.69
CA ARG B 62 10.57 15.28 -9.60
C ARG B 62 10.69 16.03 -10.92
N ASN B 63 11.64 15.66 -11.76
CA ASN B 63 11.92 16.31 -13.05
C ASN B 63 11.88 15.22 -14.12
N PRO B 64 10.70 14.67 -14.41
CA PRO B 64 10.63 13.41 -15.17
C PRO B 64 10.81 13.64 -16.66
N PRO B 65 11.03 12.58 -17.43
CA PRO B 65 11.27 12.74 -18.88
C PRO B 65 10.18 13.50 -19.61
N VAL B 66 10.58 14.20 -20.67
CA VAL B 66 9.62 14.98 -21.46
C VAL B 66 9.65 14.48 -22.90
N PHE B 67 8.46 14.30 -23.50
CA PHE B 67 8.31 13.72 -24.81
C PHE B 67 8.16 14.83 -25.87
N ASP B 68 8.89 14.72 -26.97
CA ASP B 68 8.63 15.61 -28.11
C ASP B 68 7.88 14.80 -29.16
N PRO B 69 6.58 15.05 -29.39
CA PRO B 69 5.81 14.20 -30.31
C PRO B 69 6.21 14.35 -31.79
N GLU B 70 6.90 15.43 -32.16
CA GLU B 70 7.34 15.61 -33.55
C GLU B 70 8.69 14.97 -33.84
N THR B 71 9.56 14.86 -32.84
CA THR B 71 10.76 14.06 -33.03
C THR B 71 10.60 12.63 -32.56
N HIS B 72 9.53 12.31 -31.81
CA HIS B 72 9.32 10.95 -31.29
C HIS B 72 10.46 10.53 -30.38
N THR B 73 10.99 11.48 -29.63
CA THR B 73 12.08 11.20 -28.71
C THR B 73 11.75 11.74 -27.30
N VAL B 74 12.46 11.19 -26.33
CA VAL B 74 12.35 11.59 -24.93
C VAL B 74 13.62 12.31 -24.51
N THR B 75 13.48 13.34 -23.66
CA THR B 75 14.60 13.97 -22.99
C THR B 75 14.64 13.53 -21.53
N LEU B 76 15.80 12.97 -21.12
CA LEU B 76 15.91 12.59 -19.73
C LEU B 76 16.60 13.69 -18.91
N PRO B 77 16.30 13.83 -17.61
CA PRO B 77 17.00 14.84 -16.79
C PRO B 77 18.50 14.60 -16.73
N GLU B 78 19.27 15.71 -16.78
CA GLU B 78 20.73 15.58 -16.88
C GLU B 78 21.34 14.76 -15.73
N GLY B 79 20.85 14.95 -14.50
CA GLY B 79 21.43 14.21 -13.39
C GLY B 79 21.28 12.71 -13.55
N PHE B 80 20.13 12.28 -14.11
CA PHE B 80 19.91 10.85 -14.32
C PHE B 80 20.86 10.30 -15.40
N LYS B 81 21.06 11.04 -16.49
CA LYS B 81 22.00 10.55 -17.50
C LYS B 81 23.42 10.50 -16.95
N LYS B 82 23.76 11.43 -16.05
CA LYS B 82 25.07 11.37 -15.41
C LYS B 82 25.20 10.09 -14.59
N SER B 83 24.14 9.70 -13.88
CA SER B 83 24.14 8.43 -13.16
C SER B 83 24.29 7.23 -14.11
N MET B 84 23.61 7.30 -15.26
CA MET B 84 23.76 6.25 -16.26
C MET B 84 25.21 6.14 -16.74
N ARG B 85 25.87 7.27 -16.97
CA ARG B 85 27.26 7.18 -17.42
C ARG B 85 28.19 6.60 -16.36
N ALA B 86 27.93 6.87 -15.07
CA ALA B 86 28.68 6.19 -14.01
C ALA B 86 28.50 4.68 -14.09
N LEU B 87 27.28 4.23 -14.32
CA LEU B 87 27.02 2.80 -14.50
C LEU B 87 27.82 2.25 -15.68
N PHE B 88 27.76 2.92 -16.84
CA PHE B 88 28.49 2.43 -18.02
C PHE B 88 29.99 2.45 -17.80
N ASP B 89 30.49 3.50 -17.15
CA ASP B 89 31.93 3.66 -17.02
C ASP B 89 32.52 2.58 -16.12
N GLY B 90 31.75 2.06 -15.18
CA GLY B 90 32.23 0.92 -14.42
C GLY B 90 31.94 -0.45 -14.97
N GLY B 91 31.36 -0.57 -16.17
CA GLY B 91 31.04 -1.87 -16.72
C GLY B 91 29.83 -2.56 -16.13
N TRP B 92 28.97 -1.83 -15.40
CA TRP B 92 27.86 -2.44 -14.66
C TRP B 92 26.62 -2.72 -15.51
N ASP B 93 26.61 -2.37 -16.79
CA ASP B 93 25.61 -2.91 -17.70
C ASP B 93 26.02 -4.25 -18.29
N LYS B 94 27.16 -4.80 -17.88
CA LYS B 94 27.63 -6.08 -18.41
C LYS B 94 27.89 -7.08 -17.29
N VAL B 95 27.22 -6.88 -16.15
CA VAL B 95 27.27 -7.88 -15.09
C VAL B 95 26.76 -9.21 -15.62
N GLY B 96 27.58 -10.26 -15.47
CA GLY B 96 27.11 -11.57 -15.85
C GLY B 96 27.01 -11.80 -17.34
N LEU B 97 27.45 -10.84 -18.14
CA LEU B 97 27.48 -11.02 -19.58
C LEU B 97 28.47 -12.11 -19.95
N ALA B 98 28.13 -12.92 -20.96
CA ALA B 98 29.03 -13.92 -21.49
C ALA B 98 30.41 -13.33 -21.77
N GLU B 99 31.44 -14.14 -21.51
CA GLU B 99 32.81 -13.68 -21.73
C GLU B 99 33.04 -13.28 -23.19
N HIS B 100 32.57 -14.08 -24.14
CA HIS B 100 32.78 -13.72 -25.54
C HIS B 100 32.05 -12.42 -25.94
N LEU B 101 31.15 -11.88 -25.12
CA LEU B 101 30.54 -10.59 -25.40
C LEU B 101 31.15 -9.45 -24.59
N GLY B 102 32.19 -9.74 -23.80
CA GLY B 102 32.87 -8.76 -22.97
C GLY B 102 32.55 -8.82 -21.50
N GLY B 103 31.80 -9.81 -21.04
CA GLY B 103 31.42 -9.87 -19.65
C GLY B 103 32.48 -10.56 -18.79
N ILE B 104 32.21 -10.56 -17.49
CA ILE B 104 33.04 -11.26 -16.51
C ILE B 104 32.23 -12.48 -16.04
N PRO B 105 32.68 -13.70 -16.31
CA PRO B 105 31.89 -14.88 -15.89
C PRO B 105 31.74 -14.91 -14.38
N MET B 106 30.53 -15.22 -13.93
CA MET B 106 30.26 -15.26 -12.50
C MET B 106 28.98 -16.02 -12.26
N PRO B 107 28.78 -16.59 -11.08
CA PRO B 107 27.49 -17.23 -10.80
C PRO B 107 26.37 -16.19 -10.81
N ARG B 108 25.20 -16.64 -11.24
CA ARG B 108 24.02 -15.77 -11.27
C ARG B 108 23.70 -15.24 -9.89
N ALA B 109 24.00 -16.01 -8.84
CA ALA B 109 23.71 -15.53 -7.49
C ALA B 109 24.54 -14.30 -7.15
N LEU B 110 25.82 -14.28 -7.56
CA LEU B 110 26.62 -13.08 -7.37
C LEU B 110 26.10 -11.94 -8.26
N GLN B 111 25.73 -12.26 -9.50
CA GLN B 111 25.30 -11.25 -10.44
C GLN B 111 24.05 -10.51 -9.93
N TRP B 112 23.06 -11.26 -9.41
CA TRP B 112 21.86 -10.60 -8.93
C TRP B 112 22.11 -9.83 -7.63
N ALA B 113 23.04 -10.29 -6.79
CA ALA B 113 23.44 -9.52 -5.62
C ALA B 113 24.11 -8.21 -6.01
N LEU B 114 24.89 -8.22 -7.10
CA LEU B 114 25.44 -6.94 -7.55
C LEU B 114 24.34 -6.02 -8.06
N ILE B 115 23.44 -6.57 -8.86
CA ILE B 115 22.38 -5.78 -9.48
C ILE B 115 21.45 -5.22 -8.38
N GLU B 116 21.28 -5.95 -7.29
CA GLU B 116 20.40 -5.48 -6.20
C GLU B 116 20.71 -4.05 -5.84
N HIS B 117 22.00 -3.69 -5.79
CA HIS B 117 22.36 -2.34 -5.39
C HIS B 117 21.87 -1.30 -6.38
N ILE B 118 21.97 -1.57 -7.68
CA ILE B 118 21.46 -0.58 -8.63
C ILE B 118 19.95 -0.46 -8.47
N LEU B 119 19.27 -1.60 -8.32
CA LEU B 119 17.81 -1.59 -8.23
C LEU B 119 17.33 -0.89 -6.94
N GLY B 120 18.12 -0.95 -5.87
CA GLY B 120 17.76 -0.23 -4.66
C GLY B 120 18.01 1.28 -4.79
N ALA B 121 19.10 1.65 -5.45
CA ALA B 121 19.52 3.05 -5.59
C ALA B 121 18.70 3.83 -6.63
N ASN B 122 18.30 3.19 -7.73
CA ASN B 122 17.66 3.92 -8.84
C ASN B 122 17.27 2.87 -9.85
N PRO B 123 16.21 2.10 -9.59
CA PRO B 123 15.95 0.90 -10.39
C PRO B 123 15.79 1.15 -11.88
N ALA B 124 15.26 2.30 -12.28
CA ALA B 124 15.11 2.59 -13.72
C ALA B 124 16.47 2.66 -14.41
N ALA B 125 17.51 3.01 -13.68
CA ALA B 125 18.85 3.00 -14.28
C ALA B 125 19.27 1.59 -14.68
N TYR B 126 18.99 0.60 -13.82
CA TYR B 126 19.27 -0.76 -14.25
C TYR B 126 18.41 -1.14 -15.46
N MET B 127 17.12 -0.77 -15.44
CA MET B 127 16.26 -1.16 -16.57
C MET B 127 16.77 -0.58 -17.89
N TYR B 128 17.18 0.70 -17.91
CA TYR B 128 17.77 1.24 -19.13
C TYR B 128 19.03 0.47 -19.55
N ALA B 129 19.78 -0.06 -18.57
CA ALA B 129 21.03 -0.75 -18.80
C ALA B 129 20.86 -2.25 -19.11
N MET B 130 19.64 -2.70 -19.39
CA MET B 130 19.46 -4.13 -19.66
C MET B 130 19.79 -4.55 -21.10
N GLY B 131 20.18 -3.60 -21.96
CA GLY B 131 20.48 -3.87 -23.35
C GLY B 131 21.46 -5.01 -23.61
N PRO B 132 22.66 -4.95 -23.04
CA PRO B 132 23.61 -6.04 -23.29
C PRO B 132 23.12 -7.39 -22.83
N GLY B 133 22.40 -7.47 -21.70
CA GLY B 133 21.80 -8.75 -21.32
C GLY B 133 20.77 -9.25 -22.35
N MET B 134 19.99 -8.32 -22.89
CA MET B 134 19.05 -8.69 -23.95
C MET B 134 19.76 -9.03 -25.25
N SER B 135 20.86 -8.33 -25.58
CA SER B 135 21.67 -8.74 -26.73
C SER B 135 22.20 -10.17 -26.57
N GLU B 136 22.57 -10.57 -25.35
CA GLU B 136 23.03 -11.95 -25.14
C GLU B 136 21.90 -12.94 -25.40
N ILE B 137 20.67 -12.59 -25.00
CA ILE B 137 19.55 -13.49 -25.33
C ILE B 137 19.37 -13.59 -26.84
N PHE B 138 19.47 -12.46 -27.54
CA PHE B 138 19.36 -12.47 -28.99
C PHE B 138 20.47 -13.32 -29.60
N TYR B 139 21.69 -13.16 -29.10
CA TYR B 139 22.82 -14.01 -29.50
C TYR B 139 22.49 -15.49 -29.37
N ASN B 140 22.04 -15.89 -28.18
CA ASN B 140 21.69 -17.29 -27.92
C ASN B 140 20.62 -17.80 -28.88
N ASN B 141 19.69 -16.97 -29.32
CA ASN B 141 18.60 -17.44 -30.15
C ASN B 141 18.82 -17.19 -31.64
N GLY B 142 19.94 -16.60 -32.02
CA GLY B 142 20.11 -16.10 -33.37
C GLY B 142 20.86 -17.05 -34.29
N THR B 143 20.80 -16.74 -35.59
CA THR B 143 21.64 -17.39 -36.59
C THR B 143 23.10 -17.01 -36.35
N ASP B 144 24.01 -17.66 -37.10
CA ASP B 144 25.41 -17.24 -37.01
C ASP B 144 25.56 -15.78 -37.37
N GLU B 145 24.87 -15.33 -38.42
CA GLU B 145 24.97 -13.94 -38.83
C GLU B 145 24.40 -13.00 -37.77
N GLN B 146 23.21 -13.32 -37.23
CA GLN B 146 22.66 -12.48 -36.16
C GLN B 146 23.59 -12.44 -34.95
N LYS B 147 24.31 -13.54 -34.66
CA LYS B 147 25.23 -13.57 -33.52
C LYS B 147 26.30 -12.51 -33.65
N LYS B 148 26.70 -12.19 -34.88
CA LYS B 148 27.62 -11.10 -35.16
C LYS B 148 27.00 -9.74 -34.84
N TRP B 149 25.73 -9.56 -35.17
CA TRP B 149 25.07 -8.31 -34.81
C TRP B 149 24.95 -8.20 -33.30
N ALA B 150 24.54 -9.28 -32.64
CA ALA B 150 24.39 -9.28 -31.18
C ALA B 150 25.70 -8.91 -30.49
N THR B 151 26.81 -9.40 -31.06
CA THR B 151 28.14 -9.09 -30.52
C THR B 151 28.44 -7.60 -30.61
N ILE B 152 28.14 -7.02 -31.77
CA ILE B 152 28.27 -5.57 -31.95
C ILE B 152 27.43 -4.82 -30.93
N ALA B 153 26.14 -5.14 -30.88
CA ALA B 153 25.22 -4.46 -29.96
C ALA B 153 25.70 -4.53 -28.52
N ALA B 154 26.15 -5.70 -28.07
CA ALA B 154 26.66 -5.82 -26.70
C ALA B 154 27.93 -5.00 -26.54
N GLU B 155 28.84 -5.06 -27.52
CA GLU B 155 30.09 -4.33 -27.36
C GLU B 155 29.86 -2.84 -27.35
N ARG B 156 28.94 -2.36 -28.18
CA ARG B 156 28.67 -0.93 -28.23
C ARG B 156 27.67 -0.48 -27.17
N GLY B 157 27.13 -1.39 -26.38
CA GLY B 157 26.24 -1.00 -25.31
C GLY B 157 24.88 -0.52 -25.73
N TRP B 158 24.35 -1.01 -26.85
CA TRP B 158 23.02 -0.60 -27.31
C TRP B 158 21.95 -0.87 -26.24
N GLY B 159 20.97 0.01 -26.18
CA GLY B 159 19.79 -0.27 -25.38
C GLY B 159 18.91 -1.34 -26.00
N ALA B 160 17.93 -1.80 -25.24
CA ALA B 160 17.03 -2.80 -25.81
C ALA B 160 15.66 -2.71 -25.16
N THR B 161 14.65 -3.23 -25.86
CA THR B 161 13.29 -3.32 -25.35
C THR B 161 12.73 -4.71 -25.59
N MET B 162 11.75 -5.10 -24.76
CA MET B 162 10.88 -6.26 -25.04
C MET B 162 9.50 -5.72 -25.41
N VAL B 163 9.02 -6.05 -26.60
CA VAL B 163 7.86 -5.38 -27.18
C VAL B 163 6.76 -6.45 -27.39
N LEU B 164 5.87 -6.59 -26.39
CA LEU B 164 4.76 -7.56 -26.44
C LEU B 164 3.40 -6.89 -26.41
N THR B 165 3.19 -6.00 -25.45
CA THR B 165 1.86 -5.56 -25.05
C THR B 165 1.21 -4.68 -26.09
N GLU B 166 -0.09 -4.85 -26.28
CA GLU B 166 -0.93 -3.97 -27.06
C GLU B 166 -2.13 -3.54 -26.21
N PRO B 167 -2.87 -2.49 -26.62
CA PRO B 167 -4.05 -2.10 -25.80
C PRO B 167 -4.99 -3.26 -25.50
N ASP B 168 -5.17 -4.19 -26.43
CA ASP B 168 -6.05 -5.34 -26.26
C ASP B 168 -5.31 -6.62 -25.89
N ALA B 169 -3.98 -6.60 -25.74
CA ALA B 169 -3.25 -7.84 -25.47
C ALA B 169 -2.19 -7.51 -24.42
N GLY B 170 -2.57 -7.68 -23.15
CA GLY B 170 -1.66 -7.49 -22.03
C GLY B 170 -1.35 -8.82 -21.38
N SER B 171 -2.22 -9.26 -20.47
CA SER B 171 -2.07 -10.60 -19.93
C SER B 171 -2.25 -11.64 -21.03
N ASP B 172 -3.17 -11.40 -21.98
CA ASP B 172 -3.47 -12.38 -23.04
C ASP B 172 -2.55 -12.06 -24.21
N VAL B 173 -1.27 -12.45 -24.06
CA VAL B 173 -0.29 -12.08 -25.09
C VAL B 173 -0.70 -12.63 -26.45
N GLY B 174 -1.29 -13.82 -26.48
CA GLY B 174 -1.75 -14.46 -27.71
C GLY B 174 -2.80 -13.69 -28.49
N ALA B 175 -3.40 -12.66 -27.91
CA ALA B 175 -4.36 -11.84 -28.64
C ALA B 175 -3.70 -10.75 -29.49
N GLY B 176 -2.38 -10.63 -29.47
CA GLY B 176 -1.74 -9.52 -30.18
C GLY B 176 -2.06 -9.55 -31.68
N ARG B 177 -2.24 -8.35 -32.25
CA ARG B 177 -2.59 -8.18 -33.67
C ARG B 177 -1.49 -7.56 -34.51
N THR B 178 -0.39 -7.10 -33.89
CA THR B 178 0.72 -6.56 -34.70
C THR B 178 1.13 -7.61 -35.74
N LYS B 179 1.35 -7.15 -36.96
CA LYS B 179 1.48 -8.02 -38.13
C LYS B 179 2.92 -8.01 -38.62
N ALA B 180 3.34 -9.12 -39.25
CA ALA B 180 4.62 -9.16 -39.93
C ALA B 180 4.41 -9.62 -41.37
N VAL B 181 4.91 -8.82 -42.33
CA VAL B 181 4.67 -8.99 -43.77
C VAL B 181 6.00 -9.39 -44.40
N GLN B 182 6.11 -10.61 -44.94
CA GLN B 182 7.40 -11.06 -45.41
C GLN B 182 7.78 -10.35 -46.71
N GLN B 183 9.06 -10.00 -46.83
CA GLN B 183 9.58 -9.37 -48.03
C GLN B 183 10.32 -10.39 -48.89
N PRO B 184 10.48 -10.12 -50.20
CA PRO B 184 11.20 -11.11 -51.04
C PRO B 184 12.61 -11.42 -50.53
N ASP B 185 13.37 -10.42 -50.08
CA ASP B 185 14.73 -10.68 -49.61
C ASP B 185 14.80 -11.35 -48.23
N GLY B 186 13.68 -11.80 -47.64
CA GLY B 186 13.73 -12.50 -46.36
C GLY B 186 13.65 -11.62 -45.11
N THR B 187 13.70 -10.30 -45.23
CA THR B 187 13.32 -9.43 -44.12
C THR B 187 11.79 -9.37 -43.98
N TRP B 188 11.32 -8.74 -42.89
CA TRP B 188 9.89 -8.57 -42.67
C TRP B 188 9.58 -7.10 -42.42
N HIS B 189 8.37 -6.66 -42.76
CA HIS B 189 7.88 -5.35 -42.38
C HIS B 189 6.85 -5.51 -41.26
N ILE B 190 7.12 -4.88 -40.12
CA ILE B 190 6.28 -5.00 -38.93
C ILE B 190 5.30 -3.84 -38.91
N GLU B 191 4.02 -4.12 -38.63
CA GLU B 191 2.94 -3.14 -38.69
C GLU B 191 2.00 -3.31 -37.49
N GLY B 192 2.00 -2.33 -36.58
CA GLY B 192 1.05 -2.30 -35.50
C GLY B 192 1.48 -1.28 -34.44
N VAL B 193 0.68 -1.21 -33.39
CA VAL B 193 0.92 -0.28 -32.29
C VAL B 193 0.98 -1.08 -31.00
N LYS B 194 2.10 -0.95 -30.30
CA LYS B 194 2.37 -1.58 -29.02
C LYS B 194 2.27 -0.51 -27.93
N ARG B 195 2.01 -0.96 -26.73
CA ARG B 195 1.90 0.07 -25.66
C ARG B 195 2.61 -0.42 -24.40
N PHE B 196 2.92 0.54 -23.53
CA PHE B 196 3.58 0.29 -22.25
C PHE B 196 5.00 -0.22 -22.44
N ILE B 197 5.69 0.18 -23.49
CA ILE B 197 7.01 -0.39 -23.74
C ILE B 197 8.09 0.41 -22.98
N THR B 198 8.73 -0.26 -22.03
CA THR B 198 9.77 0.36 -21.23
C THR B 198 11.00 0.63 -22.10
N SER B 199 11.52 1.87 -22.02
CA SER B 199 12.77 2.33 -22.64
C SER B 199 12.70 2.41 -24.17
N ALA B 200 11.49 2.53 -24.74
CA ALA B 200 11.36 2.50 -26.20
C ALA B 200 12.04 3.69 -26.85
N ASP B 201 12.18 4.80 -26.14
CA ASP B 201 13.21 5.77 -26.44
C ASP B 201 13.97 6.13 -25.15
N SER B 202 15.22 6.55 -25.29
CA SER B 202 16.05 6.80 -24.11
C SER B 202 17.00 7.95 -24.36
N ASP B 203 16.51 9.00 -25.00
CA ASP B 203 17.26 10.24 -25.20
C ASP B 203 18.56 9.84 -25.92
N ASP B 204 19.70 10.37 -25.51
CA ASP B 204 20.96 10.08 -26.16
C ASP B 204 21.83 9.13 -25.36
N LEU B 205 21.23 8.28 -24.51
CA LEU B 205 22.03 7.33 -23.73
C LEU B 205 22.80 6.35 -24.61
N PHE B 206 22.18 5.89 -25.71
CA PHE B 206 22.78 4.87 -26.57
C PHE B 206 22.80 5.33 -28.02
N GLU B 207 23.67 4.70 -28.83
CA GLU B 207 23.66 4.97 -30.27
C GLU B 207 22.61 4.15 -31.03
N ASN B 208 22.02 3.14 -30.42
CA ASN B 208 20.94 2.38 -31.06
C ASN B 208 20.17 1.67 -29.96
N ILE B 209 18.99 1.22 -30.32
CA ILE B 209 18.12 0.41 -29.48
C ILE B 209 17.72 -0.82 -30.29
N MET B 210 17.90 -2.02 -29.72
CA MET B 210 17.36 -3.25 -30.31
C MET B 210 15.96 -3.49 -29.73
N HIS B 211 14.92 -3.37 -30.56
CA HIS B 211 13.58 -3.73 -30.12
C HIS B 211 13.36 -5.20 -30.46
N LEU B 212 12.99 -6.00 -29.47
CA LEU B 212 12.64 -7.39 -29.73
C LEU B 212 11.12 -7.45 -29.71
N VAL B 213 10.51 -7.67 -30.88
CA VAL B 213 9.09 -7.39 -31.11
C VAL B 213 8.35 -8.68 -31.42
N LEU B 214 7.31 -8.98 -30.65
CA LEU B 214 6.39 -10.07 -31.02
C LEU B 214 5.41 -9.56 -32.04
N ALA B 215 5.24 -10.32 -33.13
CA ALA B 215 4.30 -10.01 -34.19
C ALA B 215 3.86 -11.32 -34.83
N ARG B 216 2.72 -11.28 -35.52
CA ARG B 216 2.08 -12.45 -36.13
C ARG B 216 2.32 -12.42 -37.64
N PRO B 217 3.13 -13.30 -38.22
CA PRO B 217 3.25 -13.33 -39.69
C PRO B 217 1.87 -13.44 -40.31
N GLU B 218 1.67 -12.75 -41.42
CA GLU B 218 0.42 -12.88 -42.14
C GLU B 218 0.09 -14.35 -42.37
N GLY B 219 -1.16 -14.73 -42.09
CA GLY B 219 -1.56 -16.10 -42.34
C GLY B 219 -1.20 -17.08 -41.27
N ALA B 220 -0.45 -16.67 -40.24
CA ALA B 220 -0.13 -17.57 -39.15
C ALA B 220 -1.37 -17.80 -38.28
N GLY B 221 -1.37 -18.90 -37.50
CA GLY B 221 -2.51 -19.25 -36.70
C GLY B 221 -2.68 -18.30 -35.51
N PRO B 222 -3.72 -18.54 -34.69
CA PRO B 222 -4.02 -17.62 -33.57
C PRO B 222 -3.25 -17.98 -32.31
N GLY B 223 -3.38 -17.14 -31.26
CA GLY B 223 -2.77 -17.48 -29.99
C GLY B 223 -1.28 -17.20 -29.96
N THR B 224 -0.64 -17.51 -28.82
CA THR B 224 0.80 -17.31 -28.72
C THR B 224 1.54 -18.22 -29.69
N LYS B 225 0.96 -19.38 -30.03
CA LYS B 225 1.65 -20.31 -30.92
C LYS B 225 1.90 -19.69 -32.30
N GLY B 226 1.03 -18.76 -32.75
CA GLY B 226 1.20 -18.10 -34.03
C GLY B 226 2.18 -16.93 -34.08
N LEU B 227 2.81 -16.59 -32.96
CA LEU B 227 3.64 -15.39 -32.88
C LEU B 227 5.09 -15.74 -33.19
N SER B 228 5.77 -14.81 -33.85
CA SER B 228 7.21 -14.88 -34.06
C SER B 228 7.86 -13.66 -33.43
N LEU B 229 9.17 -13.77 -33.16
CA LEU B 229 9.95 -12.70 -32.54
C LEU B 229 10.86 -12.08 -33.59
N PHE B 230 10.93 -10.75 -33.61
CA PHE B 230 11.67 -10.00 -34.63
C PHE B 230 12.64 -9.04 -34.00
N PHE B 231 13.85 -8.98 -34.58
CA PHE B 231 14.88 -8.01 -34.21
C PHE B 231 14.62 -6.75 -35.04
N VAL B 232 14.22 -5.66 -34.38
CA VAL B 232 13.79 -4.43 -35.03
C VAL B 232 14.64 -3.28 -34.49
N PRO B 233 15.74 -2.92 -35.14
CA PRO B 233 16.60 -1.86 -34.60
C PRO B 233 16.00 -0.48 -34.79
N LYS B 234 16.26 0.42 -33.83
CA LYS B 234 15.84 1.81 -34.00
C LYS B 234 16.46 2.42 -35.25
N PHE B 235 17.76 2.19 -35.45
CA PHE B 235 18.47 2.64 -36.63
C PHE B 235 18.92 1.42 -37.42
N HIS B 236 18.80 1.48 -38.75
CA HIS B 236 19.54 0.55 -39.56
C HIS B 236 21.03 0.71 -39.28
N PHE B 237 21.79 -0.33 -39.56
CA PHE B 237 23.21 -0.23 -39.30
C PHE B 237 23.94 -1.14 -40.25
N ASP B 238 25.22 -0.85 -40.42
CA ASP B 238 26.12 -1.71 -41.17
C ASP B 238 26.33 -3.04 -40.44
N HIS B 239 25.91 -4.16 -41.06
CA HIS B 239 25.99 -5.45 -40.37
C HIS B 239 27.42 -5.92 -40.15
N GLU B 240 28.40 -5.36 -40.86
CA GLU B 240 29.79 -5.75 -40.64
C GLU B 240 30.46 -4.90 -39.56
N THR B 241 30.40 -3.58 -39.69
CA THR B 241 31.13 -2.67 -38.80
C THR B 241 30.34 -2.13 -37.62
N GLY B 242 29.01 -2.20 -37.64
CA GLY B 242 28.22 -1.57 -36.60
C GLY B 242 27.86 -0.12 -36.85
N GLU B 243 28.36 0.49 -37.92
CA GLU B 243 28.16 1.92 -38.16
C GLU B 243 26.67 2.25 -38.30
N ILE B 244 26.23 3.29 -37.59
CA ILE B 244 24.79 3.55 -37.51
C ILE B 244 24.32 4.18 -38.82
N GLY B 245 23.19 3.70 -39.34
CA GLY B 245 22.67 4.16 -40.61
C GLY B 245 21.34 4.87 -40.49
N GLU B 246 20.48 4.61 -41.45
CA GLU B 246 19.21 5.33 -41.60
C GLU B 246 18.18 4.93 -40.54
N ARG B 247 17.37 5.89 -40.11
CA ARG B 247 16.32 5.61 -39.12
C ARG B 247 15.34 4.57 -39.66
N ASN B 248 15.15 3.49 -38.91
CA ASN B 248 14.14 2.48 -39.16
C ASN B 248 12.77 2.98 -38.69
N GLY B 249 11.71 2.35 -39.22
CA GLY B 249 10.37 2.91 -39.11
C GLY B 249 9.60 2.58 -37.84
N VAL B 250 10.22 2.81 -36.68
CA VAL B 250 9.65 2.39 -35.39
C VAL B 250 9.78 3.62 -34.46
N PHE B 251 8.64 4.20 -34.08
CA PHE B 251 8.63 5.53 -33.49
C PHE B 251 7.74 5.54 -32.25
N VAL B 252 8.26 6.14 -31.17
CA VAL B 252 7.44 6.36 -29.98
C VAL B 252 6.39 7.41 -30.30
N THR B 253 5.13 7.14 -29.94
CA THR B 253 4.07 8.11 -30.18
C THR B 253 3.39 8.58 -28.89
N ASN B 254 3.80 8.10 -27.72
CA ASN B 254 3.28 8.61 -26.45
C ASN B 254 4.18 8.11 -25.34
N VAL B 255 4.22 8.87 -24.24
CA VAL B 255 4.93 8.48 -23.01
C VAL B 255 3.97 8.65 -21.84
N GLU B 256 3.77 7.59 -21.07
CA GLU B 256 2.71 7.57 -20.05
C GLU B 256 3.11 8.43 -18.86
N HIS B 257 2.08 8.99 -18.19
CA HIS B 257 2.22 9.65 -16.89
C HIS B 257 1.86 8.63 -15.81
N LYS B 258 2.84 8.21 -15.00
CA LYS B 258 2.70 7.07 -14.10
C LYS B 258 2.74 7.52 -12.64
N MET B 259 2.26 6.61 -11.77
CA MET B 259 2.30 6.82 -10.33
C MET B 259 3.75 6.98 -9.82
N GLY B 260 4.67 6.20 -10.35
CA GLY B 260 6.02 6.12 -9.88
C GLY B 260 6.88 5.57 -11.01
N LEU B 261 8.14 5.24 -10.68
CA LEU B 261 9.12 4.88 -11.73
C LEU B 261 9.08 5.85 -12.90
N LYS B 262 8.91 7.14 -12.59
CA LYS B 262 8.62 8.13 -13.62
C LYS B 262 9.76 8.30 -14.60
N VAL B 263 11.02 8.11 -14.17
CA VAL B 263 12.14 8.35 -15.07
C VAL B 263 12.32 7.23 -16.09
N SER B 264 11.56 6.14 -15.97
CA SER B 264 11.54 5.07 -16.98
C SER B 264 10.47 5.40 -18.01
N ALA B 265 10.91 5.78 -19.22
CA ALA B 265 9.95 6.16 -20.24
C ALA B 265 9.18 4.94 -20.69
N THR B 266 7.86 5.00 -20.57
CA THR B 266 6.95 3.88 -20.80
C THR B 266 6.08 4.31 -21.96
N CYS B 267 6.22 3.61 -23.10
CA CYS B 267 5.96 4.24 -24.39
C CYS B 267 4.93 3.49 -25.22
N GLU B 268 4.07 4.26 -25.89
CA GLU B 268 3.38 3.69 -27.05
C GLU B 268 4.39 3.66 -28.20
N LEU B 269 4.45 2.54 -28.93
CA LEU B 269 5.46 2.35 -29.96
C LEU B 269 4.78 1.97 -31.27
N SER B 270 4.89 2.81 -32.29
CA SER B 270 4.24 2.62 -33.57
C SER B 270 5.21 2.05 -34.59
N LEU B 271 4.83 0.95 -35.22
CA LEU B 271 5.69 0.24 -36.16
C LEU B 271 5.07 0.33 -37.54
N GLY B 272 5.81 0.90 -38.49
CA GLY B 272 5.28 1.01 -39.85
C GLY B 272 4.10 1.93 -40.01
N GLN B 273 3.87 2.87 -39.07
CA GLN B 273 2.71 3.77 -39.16
C GLN B 273 3.03 5.15 -39.74
N HIS B 274 4.30 5.48 -39.99
CA HIS B 274 4.65 6.85 -40.40
C HIS B 274 5.24 6.87 -41.82
N GLY B 275 4.81 5.94 -42.67
CA GLY B 275 5.28 5.89 -44.05
C GLY B 275 6.69 5.35 -44.24
N ILE B 276 7.28 4.78 -43.20
CA ILE B 276 8.62 4.21 -43.25
C ILE B 276 8.50 2.80 -42.71
N PRO B 277 8.91 1.77 -43.45
CA PRO B 277 8.75 0.41 -42.92
C PRO B 277 9.58 0.17 -41.66
N ALA B 278 8.97 -0.55 -40.72
CA ALA B 278 9.71 -1.09 -39.59
C ALA B 278 10.26 -2.42 -40.05
N VAL B 279 11.51 -2.43 -40.50
CA VAL B 279 12.11 -3.67 -40.95
C VAL B 279 12.47 -4.52 -39.74
N GLY B 280 12.04 -5.77 -39.75
CA GLY B 280 12.43 -6.71 -38.72
C GLY B 280 13.08 -7.94 -39.32
N TRP B 281 13.98 -8.53 -38.57
CA TRP B 281 14.64 -9.78 -38.94
C TRP B 281 14.15 -10.87 -38.02
N LEU B 282 13.67 -11.99 -38.60
CA LEU B 282 13.12 -13.10 -37.84
C LEU B 282 14.20 -13.73 -36.94
N VAL B 283 13.95 -13.76 -35.63
CA VAL B 283 15.00 -14.17 -34.71
C VAL B 283 15.31 -15.65 -34.91
N GLY B 284 16.60 -15.96 -35.12
CA GLY B 284 17.05 -17.31 -35.39
C GLY B 284 16.53 -17.84 -36.72
N GLU B 285 15.91 -16.97 -37.52
CA GLU B 285 15.22 -17.35 -38.76
C GLU B 285 14.31 -18.57 -38.58
N VAL B 286 13.61 -18.63 -37.44
CA VAL B 286 12.62 -19.67 -37.18
C VAL B 286 11.41 -18.99 -36.56
N HIS B 287 10.26 -19.63 -36.73
CA HIS B 287 8.99 -19.10 -36.21
C HIS B 287 8.75 -19.77 -34.87
N ASN B 288 9.14 -19.08 -33.79
CA ASN B 288 9.12 -19.69 -32.45
C ASN B 288 9.02 -18.60 -31.39
N GLY B 289 8.10 -17.65 -31.58
CA GLY B 289 8.24 -16.34 -30.94
C GLY B 289 8.01 -16.38 -29.43
N ILE B 290 6.94 -17.04 -28.99
CA ILE B 290 6.64 -16.98 -27.55
C ILE B 290 7.70 -17.74 -26.75
N ALA B 291 8.19 -18.87 -27.27
CA ALA B 291 9.28 -19.55 -26.56
C ALA B 291 10.54 -18.69 -26.52
N GLN B 292 10.90 -18.03 -27.63
CA GLN B 292 12.07 -17.14 -27.59
C GLN B 292 11.85 -15.97 -26.65
N MET B 293 10.68 -15.35 -26.71
CA MET B 293 10.41 -14.20 -25.83
C MET B 293 10.42 -14.58 -24.35
N PHE B 294 10.09 -15.83 -24.00
CA PHE B 294 10.10 -16.15 -22.58
C PHE B 294 11.52 -16.20 -21.98
N ASP B 295 12.59 -16.36 -22.79
CA ASP B 295 13.93 -16.10 -22.27
C ASP B 295 14.02 -14.69 -21.69
N VAL B 296 13.43 -13.73 -22.39
CA VAL B 296 13.44 -12.34 -21.97
C VAL B 296 12.51 -12.16 -20.77
N ILE B 297 11.32 -12.76 -20.84
CA ILE B 297 10.34 -12.57 -19.77
C ILE B 297 10.87 -13.14 -18.46
N GLU B 298 11.58 -14.27 -18.52
CA GLU B 298 12.13 -14.87 -17.31
C GLU B 298 13.15 -13.96 -16.63
N GLN B 299 14.02 -13.30 -17.42
CA GLN B 299 14.95 -12.36 -16.80
C GLN B 299 14.21 -11.13 -16.24
N ALA B 300 13.18 -10.68 -16.94
CA ALA B 300 12.40 -9.53 -16.47
C ALA B 300 11.71 -9.85 -15.15
N ARG B 301 11.18 -11.06 -15.01
CA ARG B 301 10.50 -11.43 -13.77
C ARG B 301 11.49 -11.55 -12.62
N MET B 302 12.69 -12.10 -12.89
CA MET B 302 13.73 -12.13 -11.87
C MET B 302 14.12 -10.73 -11.46
N MET B 303 14.26 -9.82 -12.44
CA MET B 303 14.63 -8.43 -12.15
C MET B 303 13.56 -7.74 -11.31
N VAL B 304 12.28 -7.92 -11.66
CA VAL B 304 11.22 -7.22 -10.94
C VAL B 304 11.16 -7.67 -9.50
N GLY B 305 11.25 -8.99 -9.28
CA GLY B 305 11.30 -9.51 -7.92
C GLY B 305 12.50 -8.98 -7.16
N THR B 306 13.67 -8.95 -7.79
CA THR B 306 14.84 -8.47 -7.08
C THR B 306 14.71 -6.98 -6.81
N LYS B 307 14.09 -6.26 -7.74
CA LYS B 307 13.83 -4.83 -7.52
C LYS B 307 12.97 -4.59 -6.29
N ALA B 308 11.87 -5.35 -6.17
CA ALA B 308 10.96 -5.18 -5.03
C ALA B 308 11.69 -5.42 -3.72
N ILE B 309 12.52 -6.45 -3.69
CA ILE B 309 13.23 -6.79 -2.46
C ILE B 309 14.29 -5.75 -2.16
N ALA B 310 15.03 -5.31 -3.19
CA ALA B 310 16.02 -4.24 -2.99
C ALA B 310 15.39 -3.00 -2.38
N THR B 311 14.18 -2.68 -2.82
CA THR B 311 13.52 -1.43 -2.39
C THR B 311 12.98 -1.55 -0.97
N LEU B 312 12.38 -2.70 -0.64
CA LEU B 312 11.98 -2.94 0.75
C LEU B 312 13.19 -2.89 1.68
N SER B 313 14.34 -3.43 1.24
CA SER B 313 15.51 -3.42 2.12
C SER B 313 15.96 -1.99 2.46
N THR B 314 16.11 -1.13 1.44
CA THR B 314 16.50 0.25 1.77
C THR B 314 15.38 1.00 2.48
N GLY B 315 14.12 0.65 2.26
CA GLY B 315 13.07 1.30 3.03
C GLY B 315 13.16 0.91 4.50
N TYR B 316 13.39 -0.37 4.77
CA TYR B 316 13.59 -0.81 6.15
C TYR B 316 14.79 -0.10 6.81
N LEU B 317 15.93 -0.04 6.12
CA LEU B 317 17.10 0.54 6.78
C LEU B 317 16.94 2.04 7.00
N ASN B 318 16.27 2.72 6.08
CA ASN B 318 15.91 4.12 6.33
C ASN B 318 15.01 4.25 7.56
N ALA B 319 13.97 3.38 7.65
CA ALA B 319 13.08 3.48 8.81
C ALA B 319 13.80 3.17 10.12
N LEU B 320 14.65 2.14 10.13
CA LEU B 320 15.42 1.80 11.33
C LEU B 320 16.31 2.98 11.75
N GLU B 321 17.01 3.59 10.79
CA GLU B 321 17.89 4.70 11.16
C GLU B 321 17.11 5.86 11.74
N TYR B 322 15.95 6.16 11.17
CA TYR B 322 15.07 7.16 11.75
C TYR B 322 14.66 6.79 13.17
N ALA B 323 14.14 5.56 13.36
CA ALA B 323 13.62 5.16 14.68
C ALA B 323 14.71 5.21 15.75
N LYS B 324 15.95 4.89 15.37
CA LYS B 324 17.06 4.96 16.32
C LYS B 324 17.25 6.35 16.89
N GLU B 325 16.87 7.39 16.14
CA GLU B 325 17.16 8.76 16.54
C GLU B 325 15.94 9.54 17.02
N ARG B 326 14.73 9.10 16.68
CA ARG B 326 13.52 9.85 16.99
C ARG B 326 13.13 9.63 18.46
N VAL B 327 13.17 10.69 19.26
CA VAL B 327 12.70 10.63 20.64
C VAL B 327 11.21 10.94 20.67
N GLN B 328 10.42 10.05 21.26
CA GLN B 328 8.99 10.34 21.36
C GLN B 328 8.37 9.44 22.42
N GLY B 329 7.87 10.06 23.48
CA GLY B 329 7.08 9.36 24.48
C GLY B 329 7.93 8.68 25.54
N ALA B 330 7.27 8.12 26.55
CA ALA B 330 7.96 7.45 27.63
C ALA B 330 7.98 5.96 27.36
N ASP B 331 8.86 5.27 28.06
CA ASP B 331 8.83 3.81 27.98
C ASP B 331 7.47 3.27 28.44
N MET B 332 7.03 2.19 27.82
CA MET B 332 5.73 1.66 28.21
C MET B 332 5.69 1.22 29.67
N THR B 333 6.85 0.88 30.28
CA THR B 333 6.82 0.54 31.70
C THR B 333 6.64 1.77 32.57
N GLN B 334 6.68 2.97 32.00
CA GLN B 334 6.50 4.20 32.78
C GLN B 334 5.40 5.08 32.20
N MET B 335 4.45 4.49 31.47
CA MET B 335 3.49 5.28 30.67
C MET B 335 2.56 6.12 31.54
N THR B 336 2.35 5.74 32.80
CA THR B 336 1.47 6.50 33.67
C THR B 336 2.19 7.67 34.33
N ASP B 337 3.52 7.68 34.27
CA ASP B 337 4.34 8.70 34.91
C ASP B 337 4.68 9.76 33.87
N LYS B 338 4.03 10.92 33.95
CA LYS B 338 4.24 11.93 32.92
C LYS B 338 5.48 12.77 33.14
N THR B 339 6.27 12.50 34.19
CA THR B 339 7.62 13.03 34.27
C THR B 339 8.69 12.00 33.91
N ALA B 340 8.31 10.80 33.45
CA ALA B 340 9.30 9.80 33.08
C ALA B 340 10.18 10.33 31.93
N PRO B 341 11.42 9.84 31.83
CA PRO B 341 12.28 10.22 30.70
C PRO B 341 11.67 9.84 29.37
N ARG B 342 11.83 10.71 28.36
CA ARG B 342 11.47 10.38 26.99
C ARG B 342 12.49 9.41 26.40
N VAL B 343 12.02 8.52 25.52
CA VAL B 343 12.85 7.45 24.98
C VAL B 343 12.79 7.52 23.46
N THR B 344 13.85 7.02 22.82
CA THR B 344 13.78 6.86 21.36
C THR B 344 12.76 5.77 21.02
N ILE B 345 12.16 5.87 19.82
CA ILE B 345 10.96 5.08 19.57
C ILE B 345 11.25 3.60 19.37
N THR B 346 12.51 3.19 19.17
CA THR B 346 12.82 1.76 19.15
C THR B 346 12.52 1.11 20.49
N HIS B 347 12.31 1.90 21.55
CA HIS B 347 11.90 1.30 22.81
C HIS B 347 10.44 0.89 22.82
N HIS B 348 9.64 1.36 21.86
CA HIS B 348 8.22 1.05 21.97
C HIS B 348 7.92 -0.33 21.35
N PRO B 349 7.08 -1.15 22.01
CA PRO B 349 6.75 -2.46 21.41
C PRO B 349 6.22 -2.42 19.97
N ASP B 350 5.26 -1.54 19.65
CA ASP B 350 4.74 -1.59 18.28
C ASP B 350 5.81 -1.26 17.25
N VAL B 351 6.76 -0.37 17.59
CA VAL B 351 7.80 -0.01 16.62
C VAL B 351 8.77 -1.18 16.44
N ARG B 352 9.07 -1.91 17.53
CA ARG B 352 9.91 -3.09 17.41
C ARG B 352 9.21 -4.17 16.61
N ARG B 353 7.90 -4.31 16.79
CA ARG B 353 7.14 -5.26 15.97
C ARG B 353 7.22 -4.84 14.51
N SER B 354 7.02 -3.55 14.26
CA SER B 354 7.08 -3.04 12.89
C SER B 354 8.45 -3.30 12.27
N LEU B 355 9.52 -2.94 13.00
CA LEU B 355 10.87 -3.07 12.47
C LEU B 355 11.27 -4.51 12.28
N MET B 356 10.88 -5.40 13.22
CA MET B 356 11.22 -6.82 13.00
C MET B 356 10.37 -7.43 11.88
N THR B 357 9.15 -6.94 11.70
CA THR B 357 8.38 -7.38 10.53
C THR B 357 9.08 -6.96 9.23
N GLN B 358 9.52 -5.71 9.16
CA GLN B 358 10.25 -5.25 7.98
C GLN B 358 11.54 -6.01 7.78
N LYS B 359 12.29 -6.23 8.86
CA LYS B 359 13.57 -6.92 8.81
C LYS B 359 13.40 -8.35 8.30
N ALA B 360 12.48 -9.10 8.93
CA ALA B 360 12.35 -10.52 8.60
C ALA B 360 11.91 -10.68 7.16
N TYR B 361 10.95 -9.84 6.70
CA TYR B 361 10.54 -9.96 5.30
C TYR B 361 11.62 -9.52 4.33
N ALA B 362 12.33 -8.41 4.62
CA ALA B 362 13.39 -8.00 3.68
C ALA B 362 14.47 -9.08 3.61
N GLU B 363 14.87 -9.62 4.78
CA GLU B 363 15.94 -10.61 4.76
C GLU B 363 15.47 -11.97 4.26
N GLY B 364 14.22 -12.34 4.54
CA GLY B 364 13.69 -13.59 3.99
C GLY B 364 13.61 -13.53 2.48
N LEU B 365 13.17 -12.37 1.95
CA LEU B 365 13.11 -12.18 0.52
C LEU B 365 14.51 -12.18 -0.12
N ARG B 366 15.49 -11.50 0.50
CA ARG B 366 16.85 -11.57 -0.05
C ARG B 366 17.32 -13.01 -0.15
N ALA B 367 17.14 -13.80 0.92
CA ALA B 367 17.48 -15.23 0.87
C ALA B 367 16.73 -15.96 -0.26
N ILE B 368 15.47 -15.62 -0.51
CA ILE B 368 14.72 -16.34 -1.56
C ILE B 368 15.32 -16.08 -2.94
N TYR B 369 15.61 -14.82 -3.29
CA TYR B 369 16.10 -14.61 -4.66
C TYR B 369 17.52 -15.14 -4.81
N LEU B 370 18.35 -15.06 -3.77
CA LEU B 370 19.68 -15.68 -3.85
C LEU B 370 19.59 -17.20 -3.92
N TYR B 371 18.75 -17.82 -3.08
CA TYR B 371 18.45 -19.27 -3.21
C TYR B 371 18.04 -19.60 -4.63
N THR B 372 17.09 -18.85 -5.17
CA THR B 372 16.59 -19.12 -6.52
C THR B 372 17.74 -19.07 -7.52
N ALA B 373 18.59 -18.06 -7.39
CA ALA B 373 19.70 -17.88 -8.33
C ALA B 373 20.74 -19.01 -8.23
N THR B 374 20.82 -19.71 -7.10
CA THR B 374 21.79 -20.81 -7.03
C THR B 374 21.38 -21.98 -7.92
N PHE B 375 20.12 -22.03 -8.37
CA PHE B 375 19.64 -23.04 -9.32
C PHE B 375 19.74 -22.57 -10.77
N GLN B 376 20.19 -21.33 -11.00
CA GLN B 376 20.25 -20.84 -12.38
C GLN B 376 21.56 -21.17 -13.09
N ASP B 377 22.56 -21.72 -12.40
CA ASP B 377 23.75 -22.30 -13.02
C ASP B 377 23.82 -23.78 -12.66
N ALA B 378 23.93 -24.64 -13.67
CA ALA B 378 24.10 -26.06 -13.44
C ALA B 378 25.22 -26.34 -12.43
N GLU B 379 26.38 -25.66 -12.59
CA GLU B 379 27.55 -25.95 -11.75
C GLU B 379 27.35 -25.52 -10.30
N VAL B 380 26.65 -24.40 -10.08
CA VAL B 380 26.37 -23.99 -8.70
C VAL B 380 25.38 -24.94 -8.04
N ALA B 381 24.31 -25.28 -8.76
CA ALA B 381 23.30 -26.19 -8.22
C ALA B 381 23.88 -27.55 -7.87
N GLN B 382 24.82 -28.05 -8.68
CA GLN B 382 25.54 -29.29 -8.36
C GLN B 382 26.43 -29.13 -7.14
N ALA B 383 27.23 -28.06 -7.12
CA ALA B 383 28.18 -27.87 -6.03
C ALA B 383 27.50 -27.55 -4.71
N VAL B 384 26.45 -26.71 -4.72
CA VAL B 384 25.94 -26.29 -3.41
C VAL B 384 24.77 -27.14 -2.92
N HIS B 385 24.04 -27.77 -3.84
CA HIS B 385 22.83 -28.51 -3.49
C HIS B 385 22.89 -29.98 -3.89
N GLY B 386 23.79 -30.36 -4.79
CA GLY B 386 23.86 -31.73 -5.24
C GLY B 386 22.80 -32.13 -6.24
N VAL B 387 22.23 -31.20 -7.00
CA VAL B 387 21.14 -31.52 -7.92
C VAL B 387 21.63 -31.35 -9.35
N ASP B 388 21.16 -32.24 -10.22
CA ASP B 388 21.62 -32.24 -11.60
C ASP B 388 20.95 -31.10 -12.35
N GLY B 389 21.35 -30.93 -13.61
CA GLY B 389 20.91 -29.76 -14.36
C GLY B 389 19.42 -29.74 -14.64
N ASP B 390 18.82 -30.90 -14.93
CA ASP B 390 17.40 -30.91 -15.25
C ASP B 390 16.55 -30.48 -14.05
N LEU B 391 16.78 -31.07 -12.88
CA LEU B 391 16.07 -30.69 -11.67
C LEU B 391 16.33 -29.22 -11.30
N ALA B 392 17.57 -28.76 -11.47
CA ALA B 392 17.88 -27.37 -11.18
C ALA B 392 17.02 -26.43 -12.02
N ALA B 393 16.85 -26.74 -13.32
CA ALA B 393 16.03 -25.89 -14.17
C ALA B 393 14.58 -25.90 -13.71
N ARG B 394 14.05 -27.05 -13.30
CA ARG B 394 12.66 -27.10 -12.88
C ARG B 394 12.44 -26.39 -11.56
N VAL B 395 13.47 -26.40 -10.69
CA VAL B 395 13.38 -25.71 -9.41
C VAL B 395 13.49 -24.22 -9.62
N ASN B 396 14.45 -23.76 -10.44
CA ASN B 396 14.45 -22.35 -10.79
C ASN B 396 13.09 -21.92 -11.38
N ASP B 397 12.52 -22.76 -12.26
CA ASP B 397 11.21 -22.44 -12.85
C ASP B 397 10.14 -22.33 -11.79
N LEU B 398 10.19 -23.21 -10.78
CA LEU B 398 9.20 -23.16 -9.72
C LEU B 398 9.34 -21.87 -8.89
N LEU B 399 10.57 -21.42 -8.66
CA LEU B 399 10.79 -20.34 -7.71
C LEU B 399 10.64 -18.95 -8.31
N LEU B 400 10.78 -18.82 -9.63
CA LEU B 400 10.65 -17.52 -10.29
C LEU B 400 9.32 -16.83 -9.98
N PRO B 401 8.14 -17.47 -10.07
CA PRO B 401 6.91 -16.75 -9.71
C PRO B 401 6.83 -16.40 -8.24
N ILE B 402 7.58 -17.09 -7.37
CA ILE B 402 7.67 -16.66 -5.97
C ILE B 402 8.49 -15.38 -5.87
N VAL B 403 9.67 -15.36 -6.49
CA VAL B 403 10.51 -14.15 -6.51
C VAL B 403 9.70 -12.96 -7.04
N LYS B 404 9.02 -13.16 -8.15
CA LYS B 404 8.24 -12.10 -8.80
C LYS B 404 6.94 -11.83 -8.04
N GLY B 405 6.08 -12.84 -7.92
CA GLY B 405 4.75 -12.57 -7.41
C GLY B 405 4.75 -12.29 -5.92
N PHE B 406 5.40 -13.16 -5.14
CA PHE B 406 5.45 -12.96 -3.68
C PHE B 406 6.38 -11.80 -3.31
N GLY B 407 7.50 -11.66 -4.01
CA GLY B 407 8.36 -10.50 -3.76
C GLY B 407 7.64 -9.18 -4.00
N SER B 408 6.99 -9.03 -5.17
CA SER B 408 6.33 -7.75 -5.49
C SER B 408 5.21 -7.43 -4.51
N GLU B 409 4.37 -8.41 -4.20
CA GLU B 409 3.26 -8.14 -3.29
C GLU B 409 3.77 -7.84 -1.88
N THR B 410 4.76 -8.61 -1.43
CA THR B 410 5.24 -8.48 -0.07
C THR B 410 5.98 -7.15 0.15
N ALA B 411 6.83 -6.74 -0.78
CA ALA B 411 7.64 -5.53 -0.54
C ALA B 411 6.76 -4.30 -0.45
N TYR B 412 5.81 -4.17 -1.39
CA TYR B 412 4.91 -3.02 -1.36
C TYR B 412 4.15 -2.97 -0.04
N ALA B 413 3.62 -4.11 0.40
CA ALA B 413 2.81 -4.14 1.62
C ALA B 413 3.65 -3.82 2.86
N LYS B 414 4.89 -4.32 2.92
CA LYS B 414 5.70 -4.05 4.12
C LYS B 414 6.36 -2.67 4.10
N LEU B 415 6.51 -2.03 2.94
CA LEU B 415 6.94 -0.63 2.97
C LEU B 415 5.93 0.26 3.70
N THR B 416 4.67 -0.18 3.78
CA THR B 416 3.69 0.56 4.60
C THR B 416 4.18 0.66 6.03
N GLU B 417 4.76 -0.40 6.55
CA GLU B 417 5.35 -0.37 7.89
C GLU B 417 6.55 0.56 7.95
N SER B 418 7.42 0.52 6.95
CA SER B 418 8.54 1.47 6.90
C SER B 418 8.04 2.91 6.95
N LEU B 419 7.04 3.25 6.14
CA LEU B 419 6.57 4.64 6.15
C LEU B 419 6.00 4.98 7.52
N GLN B 420 5.23 4.06 8.08
CA GLN B 420 4.56 4.29 9.37
C GLN B 420 5.57 4.58 10.48
N THR B 421 6.74 3.96 10.39
CA THR B 421 7.78 4.13 11.39
C THR B 421 8.23 5.58 11.50
N LEU B 422 8.14 6.34 10.42
CA LEU B 422 8.52 7.75 10.45
C LEU B 422 7.43 8.64 11.00
N GLY B 423 6.25 8.10 11.30
CA GLY B 423 5.22 9.02 11.73
C GLY B 423 4.79 9.92 10.57
N GLY B 424 4.29 11.11 10.91
CA GLY B 424 3.85 12.05 9.88
C GLY B 424 4.92 12.38 8.86
N SER B 425 6.19 12.36 9.29
CA SER B 425 7.31 12.64 8.39
C SER B 425 7.38 11.64 7.25
N GLY B 426 6.87 10.44 7.47
CA GLY B 426 6.91 9.43 6.40
C GLY B 426 6.08 9.81 5.19
N PHE B 427 5.06 10.66 5.41
CA PHE B 427 4.21 11.16 4.34
C PHE B 427 4.86 12.28 3.53
N LEU B 428 6.05 12.76 3.93
CA LEU B 428 6.74 13.82 3.23
C LEU B 428 7.62 13.31 2.08
N GLN B 429 7.66 14.05 0.99
CA GLN B 429 8.65 13.70 -0.03
C GLN B 429 10.08 13.95 0.41
N ASP B 430 10.28 14.65 1.53
CA ASP B 430 11.63 14.84 2.09
C ASP B 430 12.34 13.53 2.41
N TYR B 431 11.58 12.50 2.74
CA TYR B 431 12.11 11.16 3.00
C TYR B 431 11.76 10.26 1.83
N PRO B 432 12.54 9.21 1.57
CA PRO B 432 12.38 8.47 0.31
C PRO B 432 11.31 7.39 0.33
N ILE B 433 10.68 7.10 1.45
CA ILE B 433 9.79 5.95 1.51
C ILE B 433 8.55 6.16 0.62
N GLU B 434 8.01 7.39 0.55
CA GLU B 434 6.79 7.48 -0.27
C GLU B 434 7.11 7.26 -1.75
N GLN B 435 8.31 7.63 -2.20
CA GLN B 435 8.69 7.30 -3.57
C GLN B 435 8.97 5.81 -3.72
N TYR B 436 9.58 5.16 -2.71
CA TYR B 436 9.75 3.70 -2.76
C TYR B 436 8.40 3.00 -2.98
N ILE B 437 7.37 3.48 -2.30
CA ILE B 437 6.03 2.89 -2.42
C ILE B 437 5.47 3.08 -3.82
N ARG B 438 5.50 4.32 -4.31
CA ARG B 438 5.03 4.60 -5.67
C ARG B 438 5.84 3.86 -6.70
N ASP B 439 7.18 3.80 -6.53
CA ASP B 439 8.01 3.12 -7.53
C ASP B 439 7.76 1.62 -7.51
N SER B 440 7.37 1.08 -6.35
CA SER B 440 7.19 -0.36 -6.14
C SER B 440 5.83 -0.86 -6.61
N LYS B 441 4.82 0.02 -6.71
CA LYS B 441 3.47 -0.45 -7.02
C LYS B 441 3.44 -1.15 -8.37
N ILE B 442 4.30 -0.72 -9.30
CA ILE B 442 4.36 -1.35 -10.63
C ILE B 442 4.76 -2.82 -10.57
N ASP B 443 5.48 -3.24 -9.52
CA ASP B 443 6.06 -4.59 -9.52
C ASP B 443 5.02 -5.72 -9.58
N SER B 444 3.82 -5.49 -9.06
CA SER B 444 2.79 -6.51 -9.13
C SER B 444 2.10 -6.57 -10.49
N LEU B 445 2.55 -5.73 -11.46
CA LEU B 445 1.83 -5.57 -12.72
C LEU B 445 2.70 -5.90 -13.92
N TYR B 446 3.88 -5.28 -14.06
CA TYR B 446 4.56 -5.60 -15.31
C TYR B 446 5.35 -6.91 -15.19
N ALA B 447 5.79 -7.42 -16.35
CA ALA B 447 6.25 -8.79 -16.48
C ALA B 447 5.21 -9.79 -15.97
N GLY B 448 3.91 -9.43 -16.04
CA GLY B 448 2.83 -10.34 -15.71
C GLY B 448 2.22 -10.15 -14.32
N THR B 449 0.90 -9.98 -14.23
CA THR B 449 0.30 -9.61 -12.94
C THR B 449 0.46 -10.75 -11.95
N THR B 450 0.25 -10.43 -10.67
CA THR B 450 0.28 -11.45 -9.63
C THR B 450 -0.60 -12.65 -9.97
N ALA B 451 -1.83 -12.40 -10.45
CA ALA B 451 -2.72 -13.51 -10.76
C ALA B 451 -2.12 -14.41 -11.84
N ILE B 452 -1.45 -13.81 -12.83
CA ILE B 452 -0.79 -14.60 -13.88
C ILE B 452 0.40 -15.35 -13.29
N GLN B 453 1.16 -14.72 -12.37
CA GLN B 453 2.22 -15.45 -11.68
C GLN B 453 1.67 -16.67 -10.96
N ALA B 454 0.55 -16.52 -10.25
CA ALA B 454 0.05 -17.63 -9.43
C ALA B 454 -0.52 -18.75 -10.29
N GLN B 455 -1.16 -18.39 -11.41
CA GLN B 455 -1.65 -19.38 -12.36
C GLN B 455 -0.49 -20.14 -13.02
N ASP B 456 0.57 -19.42 -13.40
CA ASP B 456 1.78 -20.07 -13.93
C ASP B 456 2.36 -21.02 -12.90
N PHE B 457 2.45 -20.56 -11.64
CA PHE B 457 3.01 -21.33 -10.55
C PHE B 457 2.28 -22.66 -10.38
N PHE B 458 0.95 -22.61 -10.30
CA PHE B 458 0.21 -23.85 -10.06
C PHE B 458 0.15 -24.75 -11.30
N PHE B 459 -0.35 -24.22 -12.41
CA PHE B 459 -0.62 -25.07 -13.59
C PHE B 459 0.66 -25.49 -14.28
N ARG B 460 1.62 -24.58 -14.43
CA ARG B 460 2.80 -24.94 -15.20
C ARG B 460 3.94 -25.44 -14.33
N LYS B 461 4.20 -24.77 -13.19
CA LYS B 461 5.39 -25.13 -12.40
C LYS B 461 5.11 -26.21 -11.37
N ILE B 462 3.84 -26.55 -11.13
CA ILE B 462 3.51 -27.68 -10.27
C ILE B 462 2.83 -28.80 -11.06
N ILE B 463 1.65 -28.55 -11.62
CA ILE B 463 0.87 -29.63 -12.25
C ILE B 463 1.61 -30.17 -13.47
N ARG B 464 1.97 -29.29 -14.42
CA ARG B 464 2.65 -29.80 -15.60
C ARG B 464 4.02 -30.39 -15.26
N ASP B 465 4.64 -29.94 -14.17
CA ASP B 465 5.92 -30.47 -13.72
C ASP B 465 5.79 -31.78 -12.97
N LYS B 466 4.55 -32.28 -12.83
CA LYS B 466 4.24 -33.47 -12.02
C LYS B 466 4.75 -33.34 -10.59
N GLY B 467 4.81 -32.11 -10.07
CA GLY B 467 5.22 -31.93 -8.69
C GLY B 467 6.67 -32.20 -8.36
N GLN B 468 7.54 -32.39 -9.35
CA GLN B 468 8.90 -32.82 -9.05
C GLN B 468 9.70 -31.72 -8.37
N ALA B 469 9.62 -30.49 -8.87
CA ALA B 469 10.35 -29.40 -8.22
C ALA B 469 9.81 -29.13 -6.83
N LEU B 470 8.49 -29.06 -6.69
CA LEU B 470 7.91 -28.80 -5.37
C LEU B 470 8.32 -29.89 -4.38
N ALA B 471 8.31 -31.15 -4.82
CA ALA B 471 8.66 -32.27 -3.96
C ALA B 471 10.10 -32.17 -3.48
N TYR B 472 11.01 -31.74 -4.36
CA TYR B 472 12.39 -31.52 -3.98
C TYR B 472 12.48 -30.46 -2.88
N VAL B 473 11.83 -29.29 -3.10
CA VAL B 473 11.88 -28.22 -2.10
C VAL B 473 11.28 -28.67 -0.78
N ALA B 474 10.10 -29.29 -0.84
CA ALA B 474 9.46 -29.77 0.39
C ALA B 474 10.36 -30.74 1.13
N GLY B 475 11.08 -31.59 0.39
CA GLY B 475 11.97 -32.57 1.00
C GLY B 475 13.14 -31.93 1.71
N GLU B 476 13.64 -30.80 1.19
CA GLU B 476 14.69 -30.05 1.89
C GLU B 476 14.15 -29.40 3.15
N ILE B 477 12.92 -28.88 3.11
CA ILE B 477 12.33 -28.32 4.31
C ILE B 477 12.13 -29.42 5.35
N GLU B 478 11.65 -30.58 4.91
CA GLU B 478 11.44 -31.68 5.84
C GLU B 478 12.75 -32.09 6.49
N GLN B 479 13.85 -32.14 5.71
CA GLN B 479 15.14 -32.53 6.27
C GLN B 479 15.62 -31.54 7.34
N PHE B 480 15.43 -30.25 7.09
CA PHE B 480 15.76 -29.24 8.10
C PHE B 480 14.94 -29.47 9.38
N ILE B 481 13.63 -29.69 9.24
CA ILE B 481 12.77 -29.91 10.41
C ILE B 481 13.25 -31.12 11.21
N LYS B 482 13.64 -32.20 10.53
CA LYS B 482 13.99 -33.44 11.24
C LYS B 482 15.33 -33.33 11.96
N ASN B 483 16.30 -32.61 11.40
CA ASN B 483 17.59 -32.46 12.11
C ASN B 483 17.41 -31.75 13.45
N ASN B 487 21.46 -29.29 18.37
CA ASN B 487 20.79 -28.36 19.27
C ASN B 487 19.25 -28.46 19.20
N GLY B 488 18.59 -28.35 20.36
CA GLY B 488 17.15 -28.13 20.41
C GLY B 488 16.79 -26.66 20.57
N ARG B 489 17.72 -25.78 20.23
CA ARG B 489 17.47 -24.33 20.40
C ARG B 489 16.54 -23.78 19.33
N LEU B 490 16.36 -24.49 18.20
CA LEU B 490 15.38 -24.11 17.19
C LEU B 490 14.20 -25.08 17.19
N LYS B 491 13.93 -25.72 18.34
CA LYS B 491 12.85 -26.70 18.40
C LYS B 491 11.50 -26.08 18.10
N THR B 492 11.18 -24.97 18.76
CA THR B 492 9.89 -24.32 18.54
C THR B 492 9.76 -23.83 17.08
N GLU B 493 10.85 -23.28 16.51
CA GLU B 493 10.83 -22.87 15.10
C GLU B 493 10.61 -24.06 14.17
N ARG B 494 11.25 -25.20 14.43
CA ARG B 494 11.05 -26.36 13.57
C ARG B 494 9.63 -26.92 13.67
N GLU B 495 9.05 -26.91 14.87
CA GLU B 495 7.64 -27.31 15.02
C GLU B 495 6.74 -26.39 14.21
N LEU B 496 6.95 -25.10 14.33
CA LEU B 496 6.15 -24.14 13.57
C LEU B 496 6.34 -24.31 12.07
N LEU B 497 7.57 -24.59 11.63
CA LEU B 497 7.79 -24.83 10.22
C LEU B 497 7.11 -26.11 9.76
N ALA B 498 7.12 -27.13 10.61
CA ALA B 498 6.47 -28.39 10.23
C ALA B 498 4.98 -28.18 10.04
N THR B 499 4.35 -27.36 10.89
CA THR B 499 2.95 -27.02 10.68
C THR B 499 2.77 -26.25 9.38
N ALA B 500 3.62 -25.26 9.12
CA ALA B 500 3.50 -24.47 7.89
C ALA B 500 3.70 -25.33 6.65
N LEU B 501 4.66 -26.27 6.69
CA LEU B 501 4.85 -27.18 5.55
C LEU B 501 3.61 -28.03 5.29
N ALA B 502 3.04 -28.61 6.34
CA ALA B 502 1.81 -29.39 6.18
C ALA B 502 0.66 -28.50 5.70
N ASP B 503 0.62 -27.24 6.17
CA ASP B 503 -0.40 -26.32 5.67
C ASP B 503 -0.27 -26.12 4.15
N VAL B 504 0.92 -25.78 3.69
CA VAL B 504 1.14 -25.60 2.23
C VAL B 504 0.85 -26.91 1.49
N GLN B 505 1.28 -28.05 2.03
CA GLN B 505 0.98 -29.30 1.35
C GLN B 505 -0.52 -29.54 1.26
N GLY B 506 -1.24 -29.21 2.34
CA GLY B 506 -2.69 -29.31 2.29
C GLY B 506 -3.32 -28.38 1.26
N MET B 507 -2.83 -27.13 1.19
CA MET B 507 -3.32 -26.23 0.15
C MET B 507 -3.10 -26.81 -1.23
N ALA B 508 -1.90 -27.35 -1.48
CA ALA B 508 -1.64 -27.88 -2.82
C ALA B 508 -2.57 -29.04 -3.13
N ALA B 509 -2.84 -29.88 -2.13
CA ALA B 509 -3.72 -31.04 -2.35
C ALA B 509 -5.17 -30.60 -2.58
N SER B 510 -5.66 -29.57 -1.86
CA SER B 510 -7.03 -29.10 -2.10
C SER B 510 -7.17 -28.58 -3.52
N LEU B 511 -6.26 -27.71 -3.93
CA LEU B 511 -6.32 -27.13 -5.27
C LEU B 511 -6.20 -28.21 -6.35
N THR B 512 -5.28 -29.18 -6.15
CA THR B 512 -5.17 -30.31 -7.08
C THR B 512 -6.46 -31.09 -7.11
N GLY B 513 -7.12 -31.23 -5.94
CA GLY B 513 -8.41 -31.91 -5.89
C GLY B 513 -9.47 -31.19 -6.71
N TYR B 514 -9.50 -29.86 -6.61
CA TYR B 514 -10.46 -29.10 -7.42
C TYR B 514 -10.18 -29.26 -8.90
N LEU B 515 -8.91 -29.32 -9.27
CA LEU B 515 -8.56 -29.53 -10.68
C LEU B 515 -9.02 -30.91 -11.16
N MET B 516 -8.81 -31.94 -10.35
CA MET B 516 -9.28 -33.27 -10.71
C MET B 516 -10.80 -33.31 -10.83
N ALA B 517 -11.51 -32.65 -9.93
CA ALA B 517 -12.96 -32.62 -9.99
C ALA B 517 -13.44 -31.90 -11.23
N ALA B 518 -12.61 -31.05 -11.84
CA ALA B 518 -13.08 -30.35 -13.03
C ALA B 518 -13.18 -31.28 -14.23
N GLN B 519 -12.63 -32.49 -14.15
CA GLN B 519 -12.91 -33.52 -15.17
C GLN B 519 -14.40 -33.85 -15.23
N GLU B 520 -15.11 -33.74 -14.12
CA GLU B 520 -16.52 -34.07 -13.97
C GLU B 520 -17.43 -32.84 -13.98
N ASP B 521 -17.01 -31.75 -13.36
CA ASP B 521 -17.78 -30.51 -13.36
C ASP B 521 -16.81 -29.39 -13.68
N ALA B 522 -16.88 -28.89 -14.92
CA ALA B 522 -15.93 -27.90 -15.41
C ALA B 522 -15.77 -26.71 -14.45
N ALA B 523 -16.87 -26.26 -13.82
CA ALA B 523 -16.83 -25.06 -12.96
C ALA B 523 -15.96 -25.25 -11.72
N SER B 524 -15.66 -26.50 -11.34
CA SER B 524 -14.78 -26.71 -10.19
C SER B 524 -13.41 -26.06 -10.40
N ILE B 525 -13.00 -25.88 -11.66
CA ILE B 525 -11.71 -25.24 -11.89
C ILE B 525 -11.67 -23.83 -11.33
N TYR B 526 -12.83 -23.17 -11.20
CA TYR B 526 -12.83 -21.81 -10.66
C TYR B 526 -12.26 -21.76 -9.25
N LYS B 527 -12.43 -22.83 -8.47
CA LYS B 527 -11.86 -22.83 -7.12
C LYS B 527 -10.34 -22.76 -7.14
N VAL B 528 -9.72 -23.33 -8.19
CA VAL B 528 -8.27 -23.16 -8.30
C VAL B 528 -7.93 -21.69 -8.50
N GLY B 529 -8.67 -21.02 -9.38
CA GLY B 529 -8.44 -19.61 -9.60
C GLY B 529 -8.67 -18.79 -8.34
N LEU B 530 -9.73 -19.11 -7.57
CA LEU B 530 -10.00 -18.34 -6.35
C LEU B 530 -8.86 -18.46 -5.33
N GLY B 531 -8.24 -19.64 -5.25
CA GLY B 531 -7.23 -19.86 -4.23
C GLY B 531 -5.79 -19.66 -4.68
N SER B 532 -5.55 -19.44 -5.98
CA SER B 532 -4.19 -19.54 -6.52
C SER B 532 -3.24 -18.49 -5.93
N VAL B 533 -3.67 -17.23 -5.78
CA VAL B 533 -2.77 -16.19 -5.25
C VAL B 533 -2.49 -16.42 -3.77
N ARG B 534 -3.50 -16.77 -2.98
CA ARG B 534 -3.22 -17.07 -1.57
C ARG B 534 -2.28 -18.26 -1.43
N PHE B 535 -2.38 -19.24 -2.33
CA PHE B 535 -1.43 -20.37 -2.31
C PHE B 535 -0.02 -19.88 -2.61
N LEU B 536 0.13 -19.04 -3.64
CA LEU B 536 1.46 -18.58 -4.00
C LEU B 536 2.09 -17.82 -2.84
N MET B 537 1.30 -16.96 -2.17
CA MET B 537 1.80 -16.20 -1.03
C MET B 537 2.14 -17.12 0.16
N ALA B 538 1.38 -18.20 0.33
CA ALA B 538 1.69 -19.14 1.42
C ALA B 538 3.02 -19.85 1.18
N VAL B 539 3.28 -20.28 -0.05
CA VAL B 539 4.57 -20.88 -0.34
C VAL B 539 5.70 -19.86 -0.12
N GLY B 540 5.45 -18.60 -0.48
CA GLY B 540 6.46 -17.57 -0.17
C GLY B 540 6.74 -17.44 1.32
N ASP B 541 5.68 -17.36 2.13
CA ASP B 541 5.88 -17.30 3.58
C ASP B 541 6.63 -18.53 4.09
N LEU B 542 6.27 -19.72 3.57
CA LEU B 542 6.93 -20.95 4.01
C LEU B 542 8.42 -20.90 3.71
N LEU B 543 8.77 -20.53 2.46
CA LEU B 543 10.17 -20.42 2.06
C LEU B 543 10.90 -19.35 2.87
N SER B 544 10.26 -18.21 3.15
CA SER B 544 10.89 -17.18 3.97
C SER B 544 11.19 -17.74 5.35
N GLY B 545 10.21 -18.41 5.94
CA GLY B 545 10.39 -18.94 7.29
C GLY B 545 11.47 -20.00 7.35
N TRP B 546 11.51 -20.90 6.36
CA TRP B 546 12.55 -21.93 6.32
C TRP B 546 13.93 -21.32 6.11
N LEU B 547 14.06 -20.41 5.14
CA LEU B 547 15.38 -19.87 4.87
C LEU B 547 15.87 -19.00 6.01
N LEU B 548 14.96 -18.27 6.68
CA LEU B 548 15.41 -17.52 7.84
C LEU B 548 15.88 -18.48 8.95
N ALA B 549 15.17 -19.59 9.13
CA ALA B 549 15.57 -20.56 10.16
C ALA B 549 16.90 -21.23 9.80
N ARG B 550 17.16 -21.47 8.51
CA ARG B 550 18.46 -21.92 8.09
C ARG B 550 19.52 -20.89 8.46
N GLN B 551 19.25 -19.61 8.18
CA GLN B 551 20.20 -18.57 8.55
C GLN B 551 20.43 -18.55 10.06
N ALA B 552 19.36 -18.67 10.84
CA ALA B 552 19.50 -18.74 12.30
C ALA B 552 20.42 -19.89 12.72
N ALA B 553 20.31 -21.05 12.06
CA ALA B 553 21.16 -22.19 12.45
C ALA B 553 22.63 -21.89 12.21
N VAL B 554 22.94 -21.26 11.07
CA VAL B 554 24.31 -20.81 10.81
C VAL B 554 24.75 -19.79 11.84
N ALA B 555 23.88 -18.82 12.13
CA ALA B 555 24.19 -17.78 13.10
C ALA B 555 24.46 -18.38 14.48
N ILE B 556 23.70 -19.40 14.87
CA ILE B 556 23.95 -20.05 16.15
C ILE B 556 25.34 -20.68 16.17
N GLU B 557 25.69 -21.37 15.07
CA GLU B 557 27.05 -21.92 14.98
C GLU B 557 28.09 -20.83 15.14
N LYS B 558 27.91 -19.72 14.42
CA LYS B 558 28.93 -18.68 14.46
C LYS B 558 29.01 -18.03 15.84
N LEU B 559 27.88 -17.90 16.56
CA LEU B 559 27.93 -17.36 17.92
C LEU B 559 28.58 -18.36 18.88
N ASP B 560 28.20 -19.64 18.78
CA ASP B 560 28.85 -20.66 19.59
C ASP B 560 30.37 -20.63 19.40
N ALA B 561 30.84 -20.43 18.17
CA ALA B 561 32.28 -20.42 17.94
C ALA B 561 32.97 -19.21 18.57
N GLY B 562 32.20 -18.17 18.91
CA GLY B 562 32.76 -17.03 19.62
C GLY B 562 32.70 -15.70 18.89
N ALA B 563 31.70 -15.48 18.02
CA ALA B 563 31.58 -14.18 17.38
C ALA B 563 31.45 -13.06 18.43
N THR B 564 32.01 -11.89 18.11
CA THR B 564 32.02 -10.72 18.98
C THR B 564 31.58 -9.48 18.18
N GLY B 565 31.31 -8.39 18.89
CA GLY B 565 31.11 -7.08 18.28
C GLY B 565 29.99 -7.07 17.24
N ALA B 566 30.26 -6.42 16.12
CA ALA B 566 29.22 -6.22 15.11
C ALA B 566 28.77 -7.55 14.53
N ASP B 567 29.71 -8.50 14.30
CA ASP B 567 29.31 -9.83 13.86
C ASP B 567 28.28 -10.44 14.82
N LYS B 568 28.60 -10.38 16.11
CA LYS B 568 27.70 -10.97 17.09
C LYS B 568 26.30 -10.36 17.02
N SER B 569 26.24 -9.02 16.86
CA SER B 569 24.93 -8.38 16.76
C SER B 569 24.21 -8.84 15.50
N PHE B 570 24.94 -8.98 14.39
CA PHE B 570 24.34 -9.43 13.14
C PHE B 570 23.72 -10.80 13.33
N TYR B 571 24.45 -11.72 13.94
CA TYR B 571 23.95 -13.08 14.11
C TYR B 571 22.79 -13.13 15.09
N GLU B 572 22.84 -12.34 16.17
CA GLU B 572 21.70 -12.29 17.09
C GLU B 572 20.45 -11.84 16.37
N GLY B 573 20.59 -10.89 15.46
CA GLY B 573 19.42 -10.42 14.71
C GLY B 573 18.83 -11.49 13.81
N LYS B 574 19.68 -12.36 13.23
CA LYS B 574 19.19 -13.49 12.41
C LYS B 574 18.37 -14.48 13.24
N ILE B 575 18.85 -14.83 14.43
CA ILE B 575 18.05 -15.70 15.31
C ILE B 575 16.71 -15.03 15.64
N ALA B 576 16.75 -13.75 16.02
CA ALA B 576 15.52 -13.06 16.40
C ALA B 576 14.56 -12.97 15.22
N ALA B 577 15.07 -12.70 14.01
CA ALA B 577 14.17 -12.62 12.86
C ALA B 577 13.52 -13.97 12.56
N ALA B 578 14.31 -15.05 12.60
CA ALA B 578 13.74 -16.37 12.32
C ALA B 578 12.70 -16.75 13.35
N SER B 579 12.95 -16.44 14.59
CA SER B 579 12.01 -16.81 15.63
C SER B 579 10.75 -15.94 15.54
N PHE B 580 10.90 -14.65 15.27
CA PHE B 580 9.72 -13.80 15.16
C PHE B 580 8.84 -14.21 13.99
N PHE B 581 9.46 -14.50 12.86
CA PHE B 581 8.71 -14.89 11.67
C PHE B 581 7.95 -16.18 11.90
N ALA B 582 8.62 -17.19 12.45
CA ALA B 582 7.95 -18.46 12.73
C ALA B 582 6.73 -18.28 13.64
N LYS B 583 6.83 -17.40 14.65
CA LYS B 583 5.78 -17.25 15.66
C LYS B 583 4.69 -16.26 15.27
N ASN B 584 4.95 -15.34 14.35
CA ASN B 584 3.99 -14.29 14.01
C ASN B 584 3.48 -14.32 12.57
N MET B 585 4.23 -14.89 11.64
CA MET B 585 3.80 -14.98 10.25
C MET B 585 3.32 -16.39 9.90
N LEU B 586 4.08 -17.42 10.25
CA LEU B 586 3.76 -18.77 9.77
C LEU B 586 2.40 -19.30 10.23
N PRO B 587 1.94 -19.08 11.47
CA PRO B 587 0.68 -19.72 11.91
C PRO B 587 -0.53 -19.32 11.08
N LEU B 588 -0.57 -18.10 10.55
CA LEU B 588 -1.68 -17.69 9.69
C LEU B 588 -1.92 -18.64 8.52
N LEU B 589 -0.90 -19.40 8.09
CA LEU B 589 -1.07 -20.32 6.96
C LEU B 589 -2.06 -21.44 7.27
N THR B 590 -2.26 -21.74 8.57
CA THR B 590 -3.25 -22.73 8.96
C THR B 590 -4.66 -22.25 8.63
N SER B 591 -4.99 -20.99 9.00
CA SER B 591 -6.30 -20.47 8.65
C SER B 591 -6.47 -20.38 7.14
N THR B 592 -5.42 -19.97 6.43
CA THR B 592 -5.51 -19.91 4.98
C THR B 592 -5.72 -21.30 4.37
N ARG B 593 -5.07 -22.33 4.93
CA ARG B 593 -5.36 -23.68 4.45
C ARG B 593 -6.84 -24.02 4.66
N GLN B 594 -7.36 -23.76 5.86
CA GLN B 594 -8.77 -24.05 6.11
C GLN B 594 -9.69 -23.24 5.19
N ILE B 595 -9.35 -21.99 4.92
CA ILE B 595 -10.12 -21.18 3.98
C ILE B 595 -10.11 -21.81 2.59
N ILE B 596 -8.93 -22.26 2.12
CA ILE B 596 -8.84 -22.87 0.80
C ILE B 596 -9.58 -24.20 0.73
N GLU B 597 -9.59 -24.97 1.82
CA GLU B 597 -10.36 -26.22 1.80
C GLU B 597 -11.87 -26.00 1.72
N ASN B 598 -12.33 -24.79 1.92
CA ASN B 598 -13.76 -24.52 1.96
C ASN B 598 -14.23 -23.56 0.87
N LEU B 599 -13.37 -23.25 -0.11
CA LEU B 599 -13.75 -22.38 -1.21
C LEU B 599 -14.98 -22.93 -1.92
N ASP B 600 -15.83 -22.04 -2.45
CA ASP B 600 -16.98 -22.49 -3.20
C ASP B 600 -17.26 -21.51 -4.33
N ASN B 601 -18.23 -21.86 -5.17
CA ASN B 601 -18.47 -21.10 -6.38
C ASN B 601 -19.58 -20.08 -6.25
N ASP B 602 -20.06 -19.81 -5.02
CA ASP B 602 -21.06 -18.76 -4.82
C ASP B 602 -20.62 -17.46 -5.47
N VAL B 603 -19.36 -17.06 -5.26
CA VAL B 603 -18.92 -15.75 -5.79
C VAL B 603 -18.82 -15.78 -7.30
N MET B 604 -18.65 -16.97 -7.93
CA MET B 604 -18.69 -17.04 -9.39
C MET B 604 -20.12 -17.02 -9.93
N GLU B 605 -21.08 -17.55 -9.17
CA GLU B 605 -22.46 -17.63 -9.64
C GLU B 605 -23.21 -16.33 -9.46
N LEU B 606 -22.72 -15.43 -8.60
CA LEU B 606 -23.39 -14.16 -8.35
C LEU B 606 -23.56 -13.38 -9.65
N ASP B 607 -24.76 -12.81 -9.85
CA ASP B 607 -24.97 -11.93 -11.01
C ASP B 607 -24.00 -10.75 -10.94
N GLU B 608 -23.41 -10.39 -12.09
CA GLU B 608 -22.48 -9.27 -12.12
C GLU B 608 -23.16 -8.00 -11.65
N ALA B 609 -24.48 -7.89 -11.88
CA ALA B 609 -25.22 -6.72 -11.41
C ALA B 609 -25.24 -6.58 -9.88
N ALA B 610 -25.01 -7.66 -9.13
CA ALA B 610 -25.03 -7.59 -7.67
C ALA B 610 -23.76 -6.97 -7.09
N PHE B 611 -22.68 -6.87 -7.85
CA PHE B 611 -21.50 -6.26 -7.27
C PHE B 611 -21.74 -4.73 -7.06
#